data_8IWW
#
_entry.id   8IWW
#
_cell.length_a   1.00
_cell.length_b   1.00
_cell.length_c   1.00
_cell.angle_alpha   90.00
_cell.angle_beta   90.00
_cell.angle_gamma   90.00
#
_symmetry.space_group_name_H-M   'P 1'
#
loop_
_entity.id
_entity.type
_entity.pdbx_description
1 polymer 'Calcium-transporting ATPase type 2C member 1'
2 non-polymer 'CALCIUM ION'
3 non-polymer "ADENOSINE-5'-DIPHOSPHATE"
4 non-polymer 'TETRAFLUOROALUMINATE ION'
#
_entity_poly.entity_id   1
_entity_poly.type   'polypeptide(L)'
_entity_poly.pdbx_seq_one_letter_code
;MIPVLTSKKASELPVSEVASILQADLQNGLNKCEVSHRRAFHGWNEFDISEDEPLWKKYISQFKNPLIMLLLASAVISVL
MHQFDDAVSITVAILIVVTVAFVQEYRSEKSLEELSKLVPPECHCVREGKLEHTLARDLVPGDTVCLSVGDRVPADLRLF
EAVDLSIDESSLTGETTPCSKVTAPQPAATNGDLASRSNIAFMGTLVRCGKAKGVVIGTGENSEFGEVFKMMQAEEAPKT
PLQKSMDLLGKQLSFYSFGIIGIIMLVGWLLGKDILEMFTISVSLAVAAIPEGLPIVVTVTLALGVMRMVKKRAIVKKLP
IVETLGCCNVICSDKTGTLTKNEMTVTHIFTSDGLHAEVTGVGYNQFGEVIVDGDVVHGFYNPAVSRIVEAGCVCNDAVI
RNNTLMGKPTEGALIALAMKMGLDGLQQDYIRKAEYPFSSEQKWMAVKCVHRTQQDRPEICFMKGAYEQVIKYCTTYQSK
GQTLTLTQQQRDVYQQEKARMGSAGLRVLALASGPELGQLTFLGLVGIIDPPRTGVKEAVTTLIASGVSIKMITGDSQET
AVAIASRLGLYSKTSQSVSGEEIDAMDVQQLSQIVPKVAVFYRASPRHKMKIIKSLQKNGSVVAMTGDGVNDAVALKAAD
IGVAMGQTGTDVCKEAADMILVDDDFQTIMSAIEEGKGIYNNIKNFVRFQLSTSIAALTLISLATLMNFPNPLNAMQILW
INIIMDGPPAQSLGVEPVDKDVIRKPPRNWKDSILTKNLILKILVSSIIIVCGTLFVFWRELRDNVITPRDTTMTFTCFV
FFDMFNALSSRSQTKSVFEIGLCSNRMFCYAVLGSIMGQLLVIYFPPLQKVFQTESLSILDLLFLLGLTSSVCIVAEIIK
KVERSREKIQKHV
;
_entity_poly.pdbx_strand_id   A
#
# COMPACT_ATOMS: atom_id res chain seq x y z
N MET A 1 -13.01 37.71 23.98
CA MET A 1 -12.59 36.69 23.04
C MET A 1 -11.16 36.23 23.34
N ILE A 2 -10.85 34.99 22.99
CA ILE A 2 -9.52 34.43 23.20
C ILE A 2 -8.60 34.87 22.07
N PRO A 3 -7.49 35.56 22.37
CA PRO A 3 -6.60 36.00 21.30
C PRO A 3 -5.59 34.92 20.93
N VAL A 4 -5.19 34.93 19.66
CA VAL A 4 -4.17 34.01 19.19
C VAL A 4 -2.81 34.69 19.28
N LEU A 5 -1.91 34.10 20.06
CA LEU A 5 -0.57 34.65 20.26
C LEU A 5 0.42 33.91 19.36
N THR A 6 1.42 34.64 18.89
CA THR A 6 2.42 34.05 18.01
C THR A 6 3.45 33.25 18.80
N SER A 7 4.48 32.77 18.09
CA SER A 7 5.49 31.94 18.73
C SER A 7 6.41 32.74 19.64
N LYS A 8 6.84 33.92 19.20
CA LYS A 8 7.78 34.70 20.00
C LYS A 8 7.12 35.20 21.29
N LYS A 9 5.81 35.46 21.24
CA LYS A 9 5.10 35.91 22.44
C LYS A 9 5.04 34.79 23.47
N ALA A 10 4.77 33.56 23.03
CA ALA A 10 4.77 32.43 23.96
C ALA A 10 6.19 32.08 24.42
N SER A 11 7.20 32.41 23.60
CA SER A 11 8.57 32.12 23.99
C SER A 11 9.07 33.10 25.04
N GLU A 12 8.72 34.38 24.91
CA GLU A 12 9.20 35.37 25.87
C GLU A 12 8.38 35.35 27.16
N LEU A 13 7.13 34.92 27.10
CA LEU A 13 6.30 34.87 28.29
C LEU A 13 6.43 33.53 29.01
N PRO A 14 6.36 33.53 30.33
CA PRO A 14 6.46 32.27 31.07
C PRO A 14 5.24 31.39 30.85
N VAL A 15 5.26 30.21 31.47
CA VAL A 15 4.16 29.27 31.31
C VAL A 15 2.91 29.78 32.01
N SER A 16 3.07 30.49 33.13
CA SER A 16 1.93 31.01 33.85
C SER A 16 1.17 32.04 33.02
N GLU A 17 1.90 32.94 32.36
CA GLU A 17 1.25 33.96 31.55
C GLU A 17 0.57 33.36 30.33
N VAL A 18 1.22 32.39 29.67
CA VAL A 18 0.62 31.78 28.48
C VAL A 18 -0.55 30.89 28.87
N ALA A 19 -0.59 30.46 30.13
CA ALA A 19 -1.73 29.67 30.59
C ALA A 19 -2.89 30.56 31.00
N SER A 20 -2.60 31.72 31.59
CA SER A 20 -3.65 32.64 32.00
C SER A 20 -4.27 33.35 30.80
N ILE A 21 -3.45 33.72 29.82
CA ILE A 21 -3.97 34.42 28.64
C ILE A 21 -4.86 33.50 27.82
N LEU A 22 -4.42 32.25 27.61
CA LEU A 22 -5.19 31.29 26.83
C LEU A 22 -6.28 30.60 27.63
N GLN A 23 -6.30 30.78 28.95
CA GLN A 23 -7.29 30.15 29.83
C GLN A 23 -7.28 28.63 29.65
N ALA A 24 -6.08 28.07 29.71
CA ALA A 24 -5.87 26.64 29.51
C ALA A 24 -5.46 25.99 30.83
N ASP A 25 -6.09 24.86 31.14
CA ASP A 25 -5.79 24.11 32.35
C ASP A 25 -4.70 23.09 32.03
N LEU A 26 -3.59 23.14 32.76
CA LEU A 26 -2.46 22.26 32.49
C LEU A 26 -2.75 20.81 32.85
N GLN A 27 -3.55 20.57 33.89
CA GLN A 27 -3.85 19.22 34.35
C GLN A 27 -5.23 18.73 33.90
N ASN A 28 -6.24 19.60 34.00
CA ASN A 28 -7.60 19.22 33.64
C ASN A 28 -7.86 19.35 32.14
N GLY A 29 -7.43 20.43 31.52
CA GLY A 29 -7.70 20.64 30.11
C GLY A 29 -8.97 21.45 29.89
N LEU A 30 -9.42 21.42 28.64
CA LEU A 30 -10.62 22.14 28.25
C LEU A 30 -11.80 21.19 28.15
N ASN A 31 -13.00 21.75 28.33
CA ASN A 31 -14.23 20.97 28.25
C ASN A 31 -14.69 20.84 26.80
N LYS A 32 -15.67 19.96 26.60
CA LYS A 32 -16.18 19.72 25.24
C LYS A 32 -16.87 20.96 24.67
N CYS A 33 -17.64 21.67 25.49
CA CYS A 33 -18.34 22.86 25.00
C CYS A 33 -17.36 23.96 24.60
N GLU A 34 -16.34 24.19 25.43
CA GLU A 34 -15.35 25.20 25.10
C GLU A 34 -14.55 24.81 23.87
N VAL A 35 -14.23 23.52 23.72
CA VAL A 35 -13.53 23.05 22.54
C VAL A 35 -14.38 23.28 21.29
N SER A 36 -15.67 22.96 21.37
CA SER A 36 -16.56 23.19 20.23
C SER A 36 -16.68 24.67 19.90
N HIS A 37 -16.73 25.53 20.92
CA HIS A 37 -16.81 26.97 20.69
C HIS A 37 -15.55 27.48 20.02
N ARG A 38 -14.37 27.04 20.49
CA ARG A 38 -13.12 27.47 19.88
C ARG A 38 -13.01 26.93 18.45
N ARG A 39 -13.55 25.74 18.20
CA ARG A 39 -13.51 25.20 16.84
C ARG A 39 -14.43 25.97 15.92
N ALA A 40 -15.60 26.39 16.42
CA ALA A 40 -16.51 27.19 15.61
C ALA A 40 -15.98 28.60 15.39
N PHE A 41 -15.18 29.12 16.32
CA PHE A 41 -14.63 30.46 16.20
C PHE A 41 -13.38 30.53 15.32
N HIS A 42 -12.35 29.76 15.66
CA HIS A 42 -11.09 29.81 14.91
C HIS A 42 -11.07 28.88 13.70
N GLY A 43 -12.00 27.93 13.62
CA GLY A 43 -12.01 26.98 12.53
C GLY A 43 -11.33 25.68 12.91
N TRP A 44 -11.14 24.84 11.89
CA TRP A 44 -10.49 23.55 12.07
C TRP A 44 -8.98 23.70 12.01
N ASN A 45 -8.27 22.74 12.60
CA ASN A 45 -6.81 22.74 12.62
C ASN A 45 -6.26 22.17 11.32
N GLU A 46 -6.60 22.85 10.22
CA GLU A 46 -6.12 22.49 8.89
C GLU A 46 -5.80 23.77 8.12
N PHE A 47 -5.09 23.60 7.02
CA PHE A 47 -4.77 24.71 6.14
C PHE A 47 -6.03 25.24 5.48
N ASP A 48 -6.05 26.54 5.18
CA ASP A 48 -7.22 27.17 4.59
C ASP A 48 -7.53 26.55 3.23
N ILE A 49 -8.71 25.93 3.13
CA ILE A 49 -9.13 25.28 1.88
C ILE A 49 -9.79 26.37 1.03
N SER A 50 -8.95 27.10 0.30
CA SER A 50 -9.39 28.15 -0.62
C SER A 50 -8.86 27.79 -2.00
N GLU A 51 -9.61 26.97 -2.72
CA GLU A 51 -9.25 26.53 -4.06
C GLU A 51 -10.51 26.41 -4.91
N ASP A 52 -10.64 27.30 -5.88
CA ASP A 52 -11.79 27.29 -6.78
C ASP A 52 -11.35 26.72 -8.12
N GLU A 53 -12.22 25.92 -8.72
CA GLU A 53 -11.92 25.28 -9.99
C GLU A 53 -12.86 25.82 -11.05
N PRO A 54 -12.35 26.60 -11.99
CA PRO A 54 -13.20 27.10 -13.08
C PRO A 54 -13.51 26.02 -14.11
N LEU A 55 -14.55 25.23 -13.85
CA LEU A 55 -14.87 24.10 -14.72
C LEU A 55 -15.07 24.54 -16.17
N TRP A 56 -15.55 25.77 -16.40
CA TRP A 56 -15.66 26.26 -17.76
C TRP A 56 -14.29 26.50 -18.38
N LYS A 57 -13.33 26.96 -17.57
CA LYS A 57 -11.96 27.09 -18.06
C LYS A 57 -11.37 25.74 -18.42
N LYS A 58 -11.65 24.70 -17.63
CA LYS A 58 -11.22 23.36 -18.00
C LYS A 58 -11.91 22.88 -19.28
N TYR A 59 -13.20 23.19 -19.45
CA TYR A 59 -13.92 22.79 -20.64
C TYR A 59 -13.33 23.44 -21.89
N ILE A 60 -12.98 24.72 -21.80
CA ILE A 60 -12.39 25.39 -22.96
C ILE A 60 -10.92 25.00 -23.14
N SER A 61 -10.24 24.60 -22.08
CA SER A 61 -8.87 24.09 -22.23
C SER A 61 -8.86 22.69 -22.82
N GLN A 62 -10.00 21.98 -22.72
CA GLN A 62 -10.12 20.71 -23.43
C GLN A 62 -10.02 20.90 -24.93
N PHE A 63 -10.24 22.12 -25.41
CA PHE A 63 -10.02 22.45 -26.81
C PHE A 63 -8.53 22.69 -27.05
N LYS A 64 -8.24 23.30 -28.20
CA LYS A 64 -6.91 23.74 -28.63
C LYS A 64 -6.00 22.57 -29.01
N ASN A 65 -6.48 21.33 -28.93
CA ASN A 65 -5.72 20.22 -29.45
C ASN A 65 -5.58 20.37 -30.97
N PRO A 66 -4.35 20.37 -31.48
CA PRO A 66 -4.15 20.73 -32.91
C PRO A 66 -5.02 19.95 -33.88
N LEU A 67 -5.23 18.66 -33.65
CA LEU A 67 -5.99 17.86 -34.61
C LEU A 67 -7.46 18.29 -34.67
N ILE A 68 -8.08 18.54 -33.52
CA ILE A 68 -9.48 18.94 -33.53
C ILE A 68 -9.62 20.37 -34.04
N MET A 69 -8.58 21.20 -33.87
CA MET A 69 -8.61 22.53 -34.45
C MET A 69 -8.49 22.50 -35.96
N LEU A 70 -7.67 21.61 -36.50
CA LEU A 70 -7.65 21.43 -37.96
C LEU A 70 -8.97 20.85 -38.45
N LEU A 71 -9.60 19.99 -37.66
CA LEU A 71 -10.92 19.49 -38.02
C LEU A 71 -11.94 20.62 -38.06
N LEU A 72 -11.89 21.53 -37.08
CA LEU A 72 -12.81 22.67 -37.08
C LEU A 72 -12.51 23.63 -38.22
N ALA A 73 -11.23 23.76 -38.58
CA ALA A 73 -10.88 24.58 -39.74
C ALA A 73 -11.45 23.98 -41.03
N SER A 74 -11.35 22.66 -41.18
CA SER A 74 -12.00 22.00 -42.31
C SER A 74 -13.50 22.21 -42.27
N ALA A 75 -14.09 22.16 -41.08
CA ALA A 75 -15.53 22.37 -40.95
C ALA A 75 -15.93 23.78 -41.40
N VAL A 76 -15.18 24.80 -41.00
CA VAL A 76 -15.57 26.16 -41.32
C VAL A 76 -15.29 26.47 -42.79
N ILE A 77 -14.21 25.91 -43.35
CA ILE A 77 -13.97 26.13 -44.77
C ILE A 77 -14.98 25.35 -45.60
N SER A 78 -15.57 24.30 -45.03
CA SER A 78 -16.72 23.66 -45.65
C SER A 78 -18.00 24.48 -45.53
N VAL A 79 -18.18 25.19 -44.40
CA VAL A 79 -19.28 26.17 -44.32
C VAL A 79 -19.12 27.21 -45.41
N LEU A 80 -17.88 27.63 -45.69
CA LEU A 80 -17.64 28.54 -46.80
C LEU A 80 -18.05 27.90 -48.12
N MET A 81 -17.87 26.59 -48.26
CA MET A 81 -18.33 25.88 -49.43
C MET A 81 -19.85 25.77 -49.41
N HIS A 82 -20.46 25.71 -50.59
CA HIS A 82 -21.92 25.66 -50.73
C HIS A 82 -22.41 24.28 -50.32
N GLN A 83 -22.46 24.06 -49.01
CA GLN A 83 -22.94 22.82 -48.42
C GLN A 83 -23.22 23.05 -46.95
N PHE A 84 -24.13 22.27 -46.39
CA PHE A 84 -24.55 22.44 -45.00
C PHE A 84 -24.49 21.17 -44.16
N ASP A 85 -24.78 20.02 -44.76
CA ASP A 85 -24.92 18.79 -43.96
C ASP A 85 -23.58 18.35 -43.38
N ASP A 86 -22.52 18.34 -44.20
CA ASP A 86 -21.22 17.92 -43.70
C ASP A 86 -20.72 18.82 -42.58
N ALA A 87 -20.95 20.12 -42.72
CA ALA A 87 -20.49 21.08 -41.70
C ALA A 87 -21.18 20.84 -40.36
N VAL A 88 -22.51 20.72 -40.37
CA VAL A 88 -23.23 20.53 -39.11
C VAL A 88 -22.91 19.17 -38.52
N SER A 89 -22.72 18.15 -39.36
CA SER A 89 -22.34 16.84 -38.84
C SER A 89 -20.98 16.89 -38.16
N ILE A 90 -20.00 17.54 -38.80
CA ILE A 90 -18.67 17.64 -38.21
C ILE A 90 -18.72 18.44 -36.91
N THR A 91 -19.52 19.49 -36.86
CA THR A 91 -19.61 20.29 -35.64
C THR A 91 -20.22 19.49 -34.50
N VAL A 92 -21.32 18.79 -34.76
CA VAL A 92 -21.93 17.98 -33.70
C VAL A 92 -20.98 16.87 -33.27
N ALA A 93 -20.27 16.25 -34.22
CA ALA A 93 -19.36 15.17 -33.87
C ALA A 93 -18.21 15.68 -33.00
N ILE A 94 -17.60 16.81 -33.38
CA ILE A 94 -16.52 17.35 -32.58
C ILE A 94 -17.03 17.82 -31.22
N LEU A 95 -18.30 18.25 -31.15
CA LEU A 95 -18.90 18.58 -29.86
C LEU A 95 -18.99 17.35 -28.97
N ILE A 96 -19.42 16.22 -29.53
CA ILE A 96 -19.48 14.98 -28.75
C ILE A 96 -18.09 14.57 -28.29
N VAL A 97 -17.09 14.69 -29.17
CA VAL A 97 -15.73 14.34 -28.78
C VAL A 97 -15.24 15.23 -27.64
N VAL A 98 -15.51 16.53 -27.73
CA VAL A 98 -15.04 17.46 -26.70
C VAL A 98 -15.74 17.19 -25.37
N THR A 99 -17.04 16.90 -25.41
CA THR A 99 -17.73 16.67 -24.13
C THR A 99 -17.36 15.33 -23.53
N VAL A 100 -17.08 14.31 -24.34
CA VAL A 100 -16.65 13.03 -23.78
C VAL A 100 -15.23 13.15 -23.22
N ALA A 101 -14.37 13.95 -23.87
CA ALA A 101 -13.06 14.21 -23.30
C ALA A 101 -13.18 14.98 -22.00
N PHE A 102 -14.12 15.93 -21.92
CA PHE A 102 -14.28 16.71 -20.70
C PHE A 102 -14.79 15.85 -19.55
N VAL A 103 -15.75 14.95 -19.81
CA VAL A 103 -16.26 14.11 -18.73
C VAL A 103 -15.20 13.09 -18.32
N GLN A 104 -14.38 12.62 -19.27
CA GLN A 104 -13.27 11.76 -18.91
C GLN A 104 -12.26 12.51 -18.03
N GLU A 105 -11.98 13.77 -18.36
CA GLU A 105 -11.07 14.55 -17.53
C GLU A 105 -11.65 14.81 -16.15
N TYR A 106 -12.95 15.04 -16.06
CA TYR A 106 -13.59 15.24 -14.76
C TYR A 106 -13.55 13.97 -13.93
N ARG A 107 -13.77 12.81 -14.56
CA ARG A 107 -13.67 11.55 -13.84
C ARG A 107 -12.24 11.28 -13.38
N SER A 108 -11.25 11.61 -14.20
CA SER A 108 -9.86 11.46 -13.78
C SER A 108 -9.53 12.39 -12.62
N GLU A 109 -10.09 13.60 -12.63
CA GLU A 109 -9.88 14.53 -11.54
C GLU A 109 -10.53 14.03 -10.24
N LYS A 110 -11.72 13.43 -10.36
CA LYS A 110 -12.36 12.84 -9.18
C LYS A 110 -11.51 11.69 -8.64
N SER A 111 -11.06 10.81 -9.52
CA SER A 111 -10.24 9.68 -9.07
C SER A 111 -8.95 10.16 -8.44
N LEU A 112 -8.34 11.21 -9.01
CA LEU A 112 -7.15 11.81 -8.41
C LEU A 112 -7.44 12.52 -7.11
N GLU A 113 -8.70 12.92 -6.89
CA GLU A 113 -9.10 13.38 -5.57
C GLU A 113 -9.19 12.20 -4.59
N GLU A 114 -9.51 11.00 -5.10
CA GLU A 114 -9.42 9.82 -4.25
C GLU A 114 -7.98 9.37 -4.01
N LEU A 118 -4.83 10.31 1.98
CA LEU A 118 -5.31 8.98 2.35
C LEU A 118 -5.88 8.82 3.76
N VAL A 119 -5.82 9.84 4.60
CA VAL A 119 -6.05 9.60 6.03
C VAL A 119 -6.07 10.93 6.79
N PRO A 120 -6.88 11.08 7.83
CA PRO A 120 -6.71 12.20 8.75
C PRO A 120 -5.73 11.84 9.85
N PRO A 121 -4.79 12.73 10.17
CA PRO A 121 -3.74 12.38 11.14
C PRO A 121 -4.22 12.47 12.58
N GLU A 122 -4.05 11.38 13.31
CA GLU A 122 -4.50 11.25 14.69
C GLU A 122 -3.41 11.68 15.65
N CYS A 123 -3.83 11.97 16.89
CA CYS A 123 -2.90 12.37 17.94
C CYS A 123 -3.53 12.09 19.30
N HIS A 124 -2.81 12.43 20.35
CA HIS A 124 -3.26 12.25 21.74
C HIS A 124 -3.44 13.62 22.37
N CYS A 125 -4.57 13.83 23.05
CA CYS A 125 -4.87 15.11 23.68
C CYS A 125 -5.44 14.89 25.07
N VAL A 126 -5.10 15.79 25.98
CA VAL A 126 -5.57 15.73 27.36
C VAL A 126 -6.74 16.70 27.52
N ARG A 127 -7.93 16.16 27.71
CA ARG A 127 -9.14 16.96 27.89
C ARG A 127 -9.95 16.38 29.03
N GLU A 128 -10.57 17.25 29.82
CA GLU A 128 -11.39 16.86 30.97
C GLU A 128 -10.61 15.98 31.94
N GLY A 129 -9.29 16.19 31.97
CA GLY A 129 -8.42 15.43 32.85
C GLY A 129 -8.05 14.05 32.35
N LYS A 130 -8.56 13.62 31.20
CA LYS A 130 -8.27 12.30 30.66
C LYS A 130 -7.59 12.42 29.30
N LEU A 131 -6.78 11.42 28.97
CA LEU A 131 -6.05 11.40 27.70
C LEU A 131 -6.85 10.62 26.68
N GLU A 132 -7.20 11.25 25.56
CA GLU A 132 -7.97 10.62 24.51
C GLU A 132 -7.19 10.65 23.20
N HIS A 133 -7.33 9.58 22.42
CA HIS A 133 -6.74 9.49 21.10
C HIS A 133 -7.73 10.08 20.09
N THR A 134 -7.52 11.35 19.73
CA THR A 134 -8.47 12.08 18.92
C THR A 134 -7.82 12.52 17.62
N LEU A 135 -8.55 13.33 16.87
CA LEU A 135 -8.06 13.84 15.60
C LEU A 135 -7.31 15.15 15.79
N ALA A 136 -6.21 15.31 15.03
CA ALA A 136 -5.47 16.56 15.09
C ALA A 136 -6.23 17.69 14.41
N ARG A 137 -7.23 17.35 13.59
CA ARG A 137 -7.99 18.38 12.88
C ARG A 137 -8.90 19.17 13.83
N ASP A 138 -9.45 18.50 14.84
CA ASP A 138 -10.32 19.15 15.81
C ASP A 138 -9.57 19.87 16.92
N LEU A 139 -8.24 19.94 16.84
CA LEU A 139 -7.47 20.61 17.88
C LEU A 139 -7.73 22.11 17.86
N VAL A 140 -7.82 22.70 19.04
CA VAL A 140 -8.08 24.13 19.17
C VAL A 140 -6.98 24.74 20.02
N PRO A 141 -6.72 26.05 19.85
CA PRO A 141 -5.70 26.70 20.66
C PRO A 141 -6.02 26.63 22.15
N GLY A 142 -5.10 26.04 22.91
CA GLY A 142 -5.26 25.88 24.34
C GLY A 142 -5.33 24.45 24.83
N ASP A 143 -5.37 23.47 23.94
CA ASP A 143 -5.45 22.08 24.35
C ASP A 143 -4.09 21.62 24.90
N THR A 144 -4.14 20.63 25.77
CA THR A 144 -2.94 20.03 26.37
C THR A 144 -2.56 18.81 25.54
N VAL A 145 -1.39 18.87 24.90
CA VAL A 145 -0.92 17.82 24.01
C VAL A 145 0.30 17.15 24.63
N CYS A 146 0.27 15.82 24.65
CA CYS A 146 1.38 15.00 25.12
C CYS A 146 2.13 14.44 23.91
N LEU A 147 3.45 14.60 23.91
CA LEU A 147 4.31 14.08 22.85
C LEU A 147 5.25 13.04 23.44
N SER A 148 5.14 11.81 22.96
CA SER A 148 6.03 10.72 23.36
C SER A 148 6.98 10.43 22.20
N VAL A 149 7.79 9.39 22.38
CA VAL A 149 8.72 8.98 21.34
C VAL A 149 7.93 8.45 20.15
N GLY A 150 8.35 8.85 18.94
CA GLY A 150 7.71 8.45 17.71
C GLY A 150 6.61 9.38 17.24
N ASP A 151 5.82 9.93 18.16
CA ASP A 151 4.71 10.78 17.77
C ASP A 151 5.20 12.09 17.17
N ARG A 152 4.41 12.64 16.25
CA ARG A 152 4.73 13.89 15.58
C ARG A 152 3.95 15.03 16.22
N VAL A 153 4.51 16.24 16.17
CA VAL A 153 3.89 17.42 16.75
C VAL A 153 2.71 17.85 15.88
N PRO A 154 1.47 17.83 16.39
CA PRO A 154 0.32 18.20 15.56
C PRO A 154 0.29 19.67 15.19
N ALA A 155 0.42 20.56 16.18
CA ALA A 155 0.35 21.99 15.93
C ALA A 155 1.31 22.74 16.83
N ASP A 156 1.24 24.07 16.79
CA ASP A 156 2.11 24.90 17.60
C ASP A 156 1.86 24.65 19.08
N LEU A 157 2.92 24.30 19.81
CA LEU A 157 2.84 23.90 21.20
C LEU A 157 3.74 24.77 22.04
N ARG A 158 3.22 25.23 23.18
CA ARG A 158 4.02 25.94 24.17
C ARG A 158 4.46 24.94 25.24
N LEU A 159 5.75 24.66 25.29
CA LEU A 159 6.26 23.62 26.18
C LEU A 159 6.21 24.07 27.63
N PHE A 160 5.50 23.31 28.47
CA PHE A 160 5.51 23.52 29.90
C PHE A 160 6.08 22.35 30.68
N GLU A 161 6.20 21.17 30.07
CA GLU A 161 6.89 20.03 30.67
C GLU A 161 7.73 19.34 29.61
N ALA A 162 8.98 19.04 29.96
CA ALA A 162 9.89 18.40 29.00
C ALA A 162 10.87 17.52 29.75
N VAL A 163 11.06 16.29 29.25
CA VAL A 163 12.03 15.34 29.78
C VAL A 163 12.89 14.90 28.60
N ASP A 164 14.18 15.25 28.64
CA ASP A 164 15.21 14.91 27.63
C ASP A 164 14.64 14.81 26.22
N LEU A 165 13.85 15.82 25.82
CA LEU A 165 13.16 15.78 24.54
C LEU A 165 14.08 16.25 23.43
N SER A 166 14.13 15.48 22.35
CA SER A 166 14.87 15.83 21.15
C SER A 166 13.92 15.72 19.95
N ILE A 167 13.73 16.84 19.25
CA ILE A 167 12.81 16.92 18.12
C ILE A 167 13.63 17.13 16.86
N ASP A 168 13.22 16.48 15.76
CA ASP A 168 13.89 16.63 14.48
C ASP A 168 13.26 17.82 13.77
N GLU A 169 14.08 18.81 13.44
CA GLU A 169 13.63 20.00 12.72
C GLU A 169 14.26 20.14 11.34
N SER A 170 14.77 19.04 10.78
CA SER A 170 15.43 19.11 9.48
C SER A 170 14.44 19.47 8.37
N SER A 171 13.17 19.07 8.53
CA SER A 171 12.17 19.38 7.51
C SER A 171 11.77 20.85 7.58
N LEU A 172 12.09 21.52 8.68
CA LEU A 172 11.69 22.92 8.85
C LEU A 172 12.82 23.90 8.56
N THR A 173 14.05 23.61 9.00
CA THR A 173 15.17 24.51 8.81
C THR A 173 16.32 23.90 8.01
N GLY A 174 16.42 22.58 7.96
CA GLY A 174 17.48 21.92 7.21
C GLY A 174 18.63 21.39 8.03
N GLU A 175 18.68 21.67 9.33
CA GLU A 175 19.77 21.19 10.17
C GLU A 175 19.56 19.72 10.49
N THR A 176 20.61 18.91 10.25
CA THR A 176 20.50 17.48 10.50
C THR A 176 20.63 17.13 11.98
N THR A 177 21.06 18.08 12.81
CA THR A 177 21.23 17.80 14.24
C THR A 177 19.97 18.22 14.99
N PRO A 178 19.31 17.30 15.69
CA PRO A 178 18.12 17.68 16.47
C PRO A 178 18.50 18.55 17.66
N CYS A 179 17.69 19.58 17.89
CA CYS A 179 17.94 20.50 18.99
C CYS A 179 17.21 20.04 20.25
N SER A 180 17.78 20.34 21.41
CA SER A 180 17.17 19.97 22.68
C SER A 180 16.12 21.00 23.06
N LYS A 181 15.02 20.53 23.65
CA LYS A 181 13.92 21.39 24.06
C LYS A 181 13.95 21.60 25.57
N VAL A 182 13.58 22.81 25.99
CA VAL A 182 13.56 23.18 27.41
C VAL A 182 12.30 23.99 27.66
N THR A 183 11.85 23.96 28.92
CA THR A 183 10.65 24.67 29.33
C THR A 183 10.93 26.09 29.83
N ALA A 184 12.19 26.46 30.02
CA ALA A 184 12.52 27.79 30.49
C ALA A 184 12.25 28.81 29.38
N PRO A 185 11.74 29.99 29.74
CA PRO A 185 11.50 31.02 28.72
C PRO A 185 12.81 31.57 28.17
N GLN A 186 12.78 31.94 26.89
CA GLN A 186 13.98 32.47 26.26
C GLN A 186 14.01 33.99 26.34
N PRO A 187 15.20 34.57 26.53
CA PRO A 187 15.28 36.04 26.59
C PRO A 187 14.89 36.68 25.27
N ALA A 188 14.55 37.97 25.33
CA ALA A 188 14.12 38.68 24.15
C ALA A 188 15.28 38.96 23.19
N ALA A 189 16.52 38.76 23.66
CA ALA A 189 17.67 39.03 22.80
C ALA A 189 17.96 37.87 21.85
N THR A 190 17.64 36.65 22.26
CA THR A 190 18.00 35.46 21.50
C THR A 190 16.89 34.96 20.58
N ASN A 191 15.79 35.70 20.44
CA ASN A 191 14.68 35.28 19.59
C ASN A 191 14.81 35.78 18.15
N GLY A 192 16.04 36.07 17.70
CA GLY A 192 16.21 36.55 16.34
C GLY A 192 16.08 35.45 15.30
N ASP A 193 16.80 34.35 15.49
CA ASP A 193 16.80 33.23 14.56
C ASP A 193 15.82 32.16 15.01
N LEU A 194 15.60 31.18 14.13
CA LEU A 194 14.65 30.11 14.44
C LEU A 194 15.31 29.02 15.29
N ALA A 195 16.60 28.76 15.05
CA ALA A 195 17.28 27.66 15.75
C ALA A 195 17.35 27.87 17.25
N SER A 196 17.24 29.12 17.72
CA SER A 196 17.32 29.40 19.15
C SER A 196 15.99 29.20 19.87
N ARG A 197 14.91 28.93 19.14
CA ARG A 197 13.59 28.71 19.76
C ARG A 197 13.48 27.25 20.20
N SER A 198 13.96 26.99 21.41
CA SER A 198 13.94 25.65 21.96
C SER A 198 12.82 25.43 22.96
N ASN A 199 11.82 26.31 23.02
CA ASN A 199 10.70 26.18 23.94
C ASN A 199 9.37 26.04 23.24
N ILE A 200 9.35 26.02 21.91
CA ILE A 200 8.13 25.91 21.13
C ILE A 200 8.24 24.73 20.18
N ALA A 201 7.21 23.89 20.16
CA ALA A 201 7.11 22.78 19.23
C ALA A 201 6.27 23.20 18.04
N PHE A 202 6.90 23.27 16.86
CA PHE A 202 6.25 23.77 15.67
C PHE A 202 5.47 22.67 14.96
N MET A 203 4.48 23.07 14.17
CA MET A 203 3.65 22.11 13.45
C MET A 203 4.48 21.37 12.41
N GLY A 204 4.25 20.07 12.32
CA GLY A 204 4.94 19.23 11.37
C GLY A 204 6.29 18.71 11.80
N THR A 205 6.81 19.17 12.94
CA THR A 205 8.08 18.69 13.43
C THR A 205 7.95 17.26 13.95
N LEU A 206 9.05 16.51 13.86
CA LEU A 206 9.08 15.11 14.23
C LEU A 206 9.88 14.94 15.52
N VAL A 207 9.22 14.39 16.54
CA VAL A 207 9.86 14.16 17.83
C VAL A 207 10.71 12.89 17.72
N ARG A 208 12.02 13.03 17.89
CA ARG A 208 12.92 11.89 17.83
C ARG A 208 12.95 11.11 19.13
N CYS A 209 13.10 11.80 20.27
CA CYS A 209 13.17 11.13 21.56
C CYS A 209 12.64 12.07 22.63
N GLY A 210 12.58 11.54 23.86
CA GLY A 210 12.13 12.32 24.99
C GLY A 210 10.62 12.38 25.10
N LYS A 211 10.17 13.02 26.19
CA LYS A 211 8.74 13.20 26.45
C LYS A 211 8.45 14.68 26.67
N ALA A 212 7.21 15.07 26.36
CA ALA A 212 6.85 16.47 26.47
C ALA A 212 5.35 16.62 26.71
N LYS A 213 5.00 17.68 27.42
CA LYS A 213 3.62 18.12 27.60
C LYS A 213 3.55 19.61 27.33
N GLY A 214 2.73 20.00 26.36
CA GLY A 214 2.65 21.38 25.94
C GLY A 214 1.21 21.83 25.78
N VAL A 215 1.05 23.13 25.54
CA VAL A 215 -0.26 23.73 25.34
C VAL A 215 -0.33 24.29 23.92
N VAL A 216 -1.46 24.03 23.25
CA VAL A 216 -1.63 24.49 21.87
C VAL A 216 -1.73 26.01 21.86
N ILE A 217 -0.96 26.65 20.98
CA ILE A 217 -0.95 28.11 20.90
C ILE A 217 -1.27 28.56 19.48
N GLY A 218 -1.01 27.71 18.50
CA GLY A 218 -1.24 28.05 17.12
C GLY A 218 -1.69 26.89 16.25
N THR A 219 -2.80 27.06 15.56
CA THR A 219 -3.37 26.02 14.71
C THR A 219 -3.62 26.56 13.31
N GLY A 220 -3.20 25.81 12.30
CA GLY A 220 -3.55 26.13 10.93
C GLY A 220 -2.91 27.41 10.43
N GLU A 221 -3.75 28.39 10.12
CA GLU A 221 -3.26 29.60 9.45
C GLU A 221 -2.43 30.47 10.38
N ASN A 222 -2.58 30.30 11.69
CA ASN A 222 -1.89 31.16 12.65
C ASN A 222 -0.46 30.71 12.88
N SER A 223 0.30 30.53 11.79
CA SER A 223 1.71 30.13 11.89
C SER A 223 2.36 30.38 10.53
N GLU A 224 3.47 31.13 10.53
CA GLU A 224 4.22 31.31 9.30
C GLU A 224 4.79 29.99 8.80
N PHE A 225 5.24 29.14 9.73
CA PHE A 225 5.68 27.80 9.36
C PHE A 225 4.55 26.98 8.78
N GLY A 226 3.33 27.15 9.28
CA GLY A 226 2.18 26.50 8.67
C GLY A 226 1.95 26.94 7.25
N GLU A 227 2.14 28.24 6.98
CA GLU A 227 2.03 28.74 5.61
C GLU A 227 3.12 28.15 4.72
N VAL A 228 4.35 28.08 5.23
CA VAL A 228 5.44 27.50 4.44
C VAL A 228 5.14 26.04 4.12
N PHE A 229 4.63 25.30 5.11
CA PHE A 229 4.27 23.90 4.86
C PHE A 229 3.15 23.78 3.84
N LYS A 230 2.11 24.61 3.99
CA LYS A 230 1.00 24.59 3.04
C LYS A 230 1.49 24.86 1.62
N MET A 231 2.49 25.71 1.46
CA MET A 231 3.01 25.99 0.12
C MET A 231 4.04 24.97 -0.36
N MET A 232 4.62 24.15 0.52
CA MET A 232 5.60 23.19 0.03
C MET A 232 4.99 21.81 -0.22
N GLN A 233 3.98 21.41 0.57
CA GLN A 233 3.42 20.08 0.40
C GLN A 233 2.06 20.04 -0.27
N ALA A 234 1.66 21.10 -0.97
CA ALA A 234 0.36 21.08 -1.64
C ALA A 234 0.50 20.75 -3.13
N GLU A 235 1.37 21.48 -3.84
CA GLU A 235 1.56 21.29 -5.27
C GLU A 235 2.77 20.40 -5.51
N GLU A 236 2.52 19.17 -5.95
CA GLU A 236 3.58 18.22 -6.29
C GLU A 236 3.23 17.57 -7.62
N ALA A 237 4.19 16.83 -8.17
CA ALA A 237 3.99 16.11 -9.41
C ALA A 237 4.82 14.83 -9.42
N PRO A 238 4.49 13.85 -8.58
CA PRO A 238 5.25 12.60 -8.58
C PRO A 238 4.80 11.65 -9.67
N LYS A 239 5.28 11.85 -10.90
CA LYS A 239 4.83 11.05 -12.02
C LYS A 239 5.28 9.60 -11.86
N THR A 240 4.43 8.69 -12.31
CA THR A 240 4.71 7.26 -12.24
C THR A 240 5.58 6.81 -13.41
N PRO A 241 6.56 5.96 -13.16
CA PRO A 241 7.34 5.40 -14.27
C PRO A 241 6.49 4.72 -15.33
N LEU A 242 5.44 4.01 -14.90
CA LEU A 242 4.51 3.42 -15.86
C LEU A 242 3.81 4.50 -16.68
N GLN A 243 3.55 5.66 -16.08
CA GLN A 243 2.89 6.74 -16.80
C GLN A 243 3.75 7.25 -17.95
N LYS A 244 5.03 7.54 -17.69
CA LYS A 244 5.90 8.02 -18.76
C LYS A 244 6.22 6.90 -19.75
N SER A 245 6.23 5.65 -19.29
CA SER A 245 6.40 4.53 -20.22
C SER A 245 5.23 4.46 -21.21
N MET A 246 4.01 4.56 -20.71
CA MET A 246 2.84 4.57 -21.60
C MET A 246 2.84 5.82 -22.47
N ASP A 247 3.32 6.94 -21.95
CA ASP A 247 3.41 8.16 -22.76
C ASP A 247 4.37 7.95 -23.93
N LEU A 248 5.54 7.37 -23.66
CA LEU A 248 6.51 7.10 -24.73
C LEU A 248 5.93 6.11 -25.75
N LEU A 249 5.26 5.08 -25.27
CA LEU A 249 4.65 4.11 -26.19
C LEU A 249 3.59 4.77 -27.07
N GLY A 250 2.74 5.62 -26.47
CA GLY A 250 1.74 6.32 -27.24
C GLY A 250 2.33 7.29 -28.23
N LYS A 251 3.43 7.95 -27.86
CA LYS A 251 4.09 8.86 -28.78
C LYS A 251 4.70 8.11 -29.96
N GLN A 252 5.30 6.94 -29.70
CA GLN A 252 5.84 6.13 -30.79
C GLN A 252 4.72 5.65 -31.71
N LEU A 253 3.60 5.22 -31.12
CA LEU A 253 2.46 4.78 -31.93
C LEU A 253 1.90 5.93 -32.76
N SER A 254 1.84 7.14 -32.18
CA SER A 254 1.37 8.30 -32.91
C SER A 254 2.30 8.66 -34.05
N PHE A 255 3.61 8.57 -33.83
CA PHE A 255 4.57 8.86 -34.89
C PHE A 255 4.45 7.84 -36.02
N TYR A 256 4.30 6.56 -35.68
CA TYR A 256 4.12 5.54 -36.71
C TYR A 256 2.83 5.76 -37.49
N SER A 257 1.75 6.11 -36.79
CA SER A 257 0.49 6.38 -37.46
C SER A 257 0.59 7.58 -38.37
N PHE A 258 1.28 8.64 -37.93
CA PHE A 258 1.45 9.81 -38.78
C PHE A 258 2.29 9.49 -40.01
N GLY A 259 3.31 8.66 -39.85
CA GLY A 259 4.10 8.23 -41.00
C GLY A 259 3.27 7.44 -41.99
N ILE A 260 2.47 6.50 -41.50
CA ILE A 260 1.61 5.70 -42.37
C ILE A 260 0.58 6.60 -43.06
N ILE A 261 0.07 7.60 -42.35
CA ILE A 261 -0.92 8.51 -42.94
C ILE A 261 -0.28 9.36 -44.02
N GLY A 262 0.94 9.86 -43.79
CA GLY A 262 1.65 10.58 -44.83
C GLY A 262 1.91 9.71 -46.05
N ILE A 263 2.26 8.44 -45.82
CA ILE A 263 2.51 7.53 -46.93
C ILE A 263 1.26 7.31 -47.76
N ILE A 264 0.13 7.02 -47.09
CA ILE A 264 -1.10 6.77 -47.82
C ILE A 264 -1.61 8.05 -48.49
N MET A 265 -1.32 9.21 -47.91
CA MET A 265 -1.69 10.46 -48.56
C MET A 265 -0.87 10.70 -49.82
N LEU A 266 0.43 10.41 -49.76
CA LEU A 266 1.27 10.51 -50.94
C LEU A 266 0.82 9.53 -52.02
N VAL A 267 0.37 8.34 -51.61
CA VAL A 267 -0.16 7.37 -52.58
C VAL A 267 -1.48 7.82 -53.19
N GLY A 268 -2.37 8.40 -52.39
CA GLY A 268 -3.66 8.85 -52.89
C GLY A 268 -3.56 10.09 -53.76
N TRP A 269 -2.57 10.94 -53.49
CA TRP A 269 -2.39 12.13 -54.31
C TRP A 269 -1.98 11.75 -55.74
N LEU A 270 -1.11 10.75 -55.87
CA LEU A 270 -0.68 10.26 -57.18
C LEU A 270 -1.78 9.35 -57.72
N LEU A 271 -2.21 9.61 -58.96
CA LEU A 271 -3.30 8.87 -59.59
C LEU A 271 -4.55 8.93 -58.73
N GLY A 272 -5.06 10.14 -58.51
CA GLY A 272 -6.24 10.33 -57.68
C GLY A 272 -6.69 11.78 -57.67
N LYS A 273 -7.91 11.99 -57.20
CA LYS A 273 -8.52 13.31 -57.17
C LYS A 273 -9.35 13.43 -55.89
N ASP A 274 -10.19 14.46 -55.82
CA ASP A 274 -11.04 14.75 -54.66
C ASP A 274 -10.20 14.89 -53.39
N ILE A 275 -9.38 15.95 -53.40
CA ILE A 275 -8.45 16.20 -52.30
C ILE A 275 -9.18 16.47 -51.00
N LEU A 276 -10.41 16.99 -51.08
CA LEU A 276 -11.16 17.30 -49.86
C LEU A 276 -11.48 16.04 -49.07
N GLU A 277 -12.03 15.03 -49.74
CA GLU A 277 -12.36 13.78 -49.04
C GLU A 277 -11.10 13.09 -48.51
N MET A 278 -10.00 13.17 -49.27
CA MET A 278 -8.75 12.59 -48.81
C MET A 278 -8.23 13.29 -47.56
N PHE A 279 -8.30 14.62 -47.52
CA PHE A 279 -7.86 15.34 -46.33
C PHE A 279 -8.76 15.04 -45.13
N THR A 280 -10.07 14.97 -45.36
CA THR A 280 -10.98 14.66 -44.27
C THR A 280 -10.74 13.26 -43.73
N ILE A 281 -10.51 12.29 -44.60
CA ILE A 281 -10.29 10.92 -44.15
C ILE A 281 -8.92 10.80 -43.49
N SER A 282 -7.96 11.62 -43.91
CA SER A 282 -6.66 11.64 -43.23
C SER A 282 -6.80 12.18 -41.81
N VAL A 283 -7.56 13.26 -41.65
CA VAL A 283 -7.81 13.79 -40.31
C VAL A 283 -8.57 12.78 -39.47
N SER A 284 -9.50 12.03 -40.08
CA SER A 284 -10.22 11.01 -39.34
C SER A 284 -9.29 9.89 -38.88
N LEU A 285 -8.42 9.41 -39.76
CA LEU A 285 -7.46 8.38 -39.37
C LEU A 285 -6.51 8.90 -38.30
N ALA A 286 -6.16 10.19 -38.36
CA ALA A 286 -5.26 10.76 -37.35
C ALA A 286 -5.93 10.83 -36.00
N VAL A 287 -7.21 11.22 -35.96
CA VAL A 287 -7.90 11.32 -34.67
C VAL A 287 -8.30 9.94 -34.17
N ALA A 288 -8.35 8.94 -35.06
CA ALA A 288 -8.79 7.61 -34.65
C ALA A 288 -7.62 6.75 -34.17
N ALA A 289 -6.53 6.72 -34.94
CA ALA A 289 -5.45 5.77 -34.65
C ALA A 289 -4.70 6.14 -33.37
N ILE A 290 -4.50 7.42 -33.12
CA ILE A 290 -3.68 7.82 -31.96
C ILE A 290 -4.49 7.63 -30.68
N PRO A 291 -3.87 7.17 -29.59
CA PRO A 291 -4.58 7.05 -28.31
C PRO A 291 -4.62 8.39 -27.59
N GLU A 292 -5.82 8.98 -27.49
CA GLU A 292 -6.00 10.25 -26.80
C GLU A 292 -6.56 10.07 -25.39
N GLY A 293 -6.62 8.84 -24.89
CA GLY A 293 -7.16 8.59 -23.57
C GLY A 293 -6.32 7.66 -22.72
N LEU A 294 -5.11 7.33 -23.19
CA LEU A 294 -4.25 6.41 -22.45
C LEU A 294 -3.88 6.95 -21.07
N PRO A 295 -3.43 8.20 -20.89
CA PRO A 295 -3.21 8.68 -19.53
C PRO A 295 -4.47 8.69 -18.68
N ILE A 296 -5.62 9.04 -19.26
CA ILE A 296 -6.87 9.05 -18.51
C ILE A 296 -7.20 7.65 -18.01
N VAL A 297 -7.12 6.65 -18.88
CA VAL A 297 -7.51 5.31 -18.49
C VAL A 297 -6.51 4.72 -17.49
N VAL A 298 -5.21 5.00 -17.68
CA VAL A 298 -4.24 4.46 -16.74
C VAL A 298 -4.41 5.11 -15.36
N THR A 299 -4.73 6.40 -15.33
CA THR A 299 -4.94 7.07 -14.05
C THR A 299 -6.20 6.55 -13.36
N VAL A 300 -7.29 6.38 -14.11
CA VAL A 300 -8.53 5.93 -13.47
C VAL A 300 -8.40 4.49 -13.01
N THR A 301 -7.67 3.64 -13.75
CA THR A 301 -7.51 2.27 -13.32
C THR A 301 -6.57 2.17 -12.12
N LEU A 302 -5.53 3.01 -12.07
CA LEU A 302 -4.68 3.05 -10.87
C LEU A 302 -5.48 3.51 -9.66
N ALA A 303 -6.35 4.49 -9.84
CA ALA A 303 -7.14 4.98 -8.72
C ALA A 303 -8.16 3.94 -8.27
N LEU A 304 -8.82 3.26 -9.21
CA LEU A 304 -9.75 2.20 -8.81
C LEU A 304 -9.03 1.07 -8.13
N GLY A 305 -7.81 0.75 -8.56
CA GLY A 305 -7.04 -0.28 -7.89
C GLY A 305 -6.64 0.11 -6.48
N VAL A 306 -6.17 1.34 -6.29
CA VAL A 306 -5.78 1.76 -4.95
C VAL A 306 -6.99 1.87 -4.05
N MET A 307 -8.16 2.23 -4.61
CA MET A 307 -9.39 2.27 -3.81
C MET A 307 -9.83 0.87 -3.42
N ARG A 308 -9.75 -0.09 -4.34
CA ARG A 308 -10.13 -1.46 -4.02
C ARG A 308 -9.17 -2.06 -3.00
N MET A 309 -7.90 -1.65 -3.02
CA MET A 309 -6.94 -2.20 -2.08
C MET A 309 -7.00 -1.52 -0.71
N VAL A 310 -7.39 -0.23 -0.65
CA VAL A 310 -7.57 0.40 0.66
C VAL A 310 -8.90 -0.05 1.25
N LYS A 311 -9.85 -0.45 0.40
CA LYS A 311 -11.07 -1.10 0.91
C LYS A 311 -10.74 -2.39 1.65
N LYS A 312 -9.66 -3.07 1.25
CA LYS A 312 -9.18 -4.26 1.93
C LYS A 312 -8.16 -3.94 3.02
N ARG A 313 -8.21 -2.74 3.58
CA ARG A 313 -7.32 -2.32 4.67
C ARG A 313 -5.85 -2.35 4.24
N ALA A 314 -5.54 -1.61 3.18
CA ALA A 314 -4.16 -1.50 2.68
C ALA A 314 -3.98 -0.09 2.11
N ILE A 315 -3.44 0.80 2.94
CA ILE A 315 -3.23 2.18 2.55
C ILE A 315 -1.81 2.33 1.99
N VAL A 316 -1.70 2.83 0.77
CA VAL A 316 -0.42 2.99 0.08
C VAL A 316 -0.30 4.40 -0.45
N LYS A 317 0.74 5.11 -0.02
CA LYS A 317 1.08 6.44 -0.51
C LYS A 317 2.10 6.30 -1.63
N LYS A 318 2.53 7.45 -2.16
CA LYS A 318 3.55 7.51 -3.21
C LYS A 318 3.13 6.68 -4.44
N LEU A 319 2.09 7.17 -5.11
CA LEU A 319 1.40 6.54 -6.23
C LEU A 319 2.31 5.74 -7.16
N PRO A 320 3.49 6.24 -7.54
CA PRO A 320 4.40 5.39 -8.33
C PRO A 320 4.72 4.04 -7.71
N ILE A 321 4.59 3.91 -6.38
CA ILE A 321 4.81 2.61 -5.74
C ILE A 321 3.83 1.58 -6.24
N VAL A 322 2.60 2.01 -6.57
CA VAL A 322 1.62 1.08 -7.14
C VAL A 322 2.14 0.46 -8.43
N GLU A 323 3.05 1.15 -9.12
CA GLU A 323 3.68 0.57 -10.30
C GLU A 323 4.59 -0.60 -9.91
N THR A 324 5.42 -0.41 -8.88
CA THR A 324 6.30 -1.49 -8.44
C THR A 324 5.61 -2.47 -7.50
N LEU A 325 4.36 -2.19 -7.12
CA LEU A 325 3.61 -3.13 -6.31
C LEU A 325 3.28 -4.38 -7.11
N GLY A 326 3.63 -5.55 -6.57
CA GLY A 326 3.51 -6.80 -7.27
C GLY A 326 4.77 -7.26 -7.96
N CYS A 327 5.68 -6.34 -8.28
CA CYS A 327 6.97 -6.67 -8.85
C CYS A 327 7.93 -7.27 -7.83
N CYS A 328 7.59 -7.22 -6.54
CA CYS A 328 8.48 -7.69 -5.50
C CYS A 328 8.75 -9.19 -5.63
N ASN A 329 9.90 -9.61 -5.12
CA ASN A 329 10.27 -11.02 -5.07
C ASN A 329 10.86 -11.46 -3.74
N VAL A 330 11.19 -10.53 -2.84
CA VAL A 330 11.68 -10.85 -1.51
C VAL A 330 10.92 -9.98 -0.51
N ILE A 331 10.14 -10.63 0.35
CA ILE A 331 9.32 -9.92 1.33
C ILE A 331 9.72 -10.38 2.74
N CYS A 332 10.48 -9.54 3.43
CA CYS A 332 10.86 -9.85 4.81
C CYS A 332 9.70 -9.58 5.76
N SER A 333 9.73 -10.26 6.90
CA SER A 333 8.68 -10.13 7.90
C SER A 333 9.27 -10.45 9.26
N ASP A 334 8.58 -9.98 10.31
CA ASP A 334 8.98 -10.23 11.68
C ASP A 334 8.03 -11.25 12.32
N LYS A 335 8.51 -11.92 13.37
CA LYS A 335 7.70 -12.92 14.03
C LYS A 335 6.48 -12.30 14.70
N THR A 336 6.68 -11.26 15.51
CA THR A 336 5.60 -10.57 16.20
C THR A 336 5.01 -9.51 15.28
N GLY A 337 3.68 -9.40 15.31
CA GLY A 337 3.01 -8.41 14.49
C GLY A 337 2.41 -8.96 13.21
N THR A 338 3.13 -8.77 12.09
CA THR A 338 2.61 -9.15 10.79
C THR A 338 2.36 -10.66 10.70
N LEU A 339 3.40 -11.46 10.93
CA LEU A 339 3.32 -12.91 10.75
C LEU A 339 2.55 -13.60 11.86
N THR A 340 2.43 -12.99 13.04
CA THR A 340 1.76 -13.62 14.17
C THR A 340 1.18 -12.55 15.07
N LYS A 341 -0.02 -12.79 15.57
CA LYS A 341 -0.67 -11.85 16.48
C LYS A 341 0.16 -11.67 17.75
N ASN A 342 0.00 -10.51 18.38
CA ASN A 342 0.78 -10.15 19.57
C ASN A 342 0.14 -10.67 20.84
N GLU A 343 0.02 -12.00 20.95
CA GLU A 343 -0.55 -12.64 22.12
C GLU A 343 0.38 -13.74 22.62
N MET A 344 0.79 -13.63 23.88
CA MET A 344 1.73 -14.56 24.48
C MET A 344 1.07 -15.29 25.65
N THR A 345 1.24 -16.61 25.74
CA THR A 345 0.64 -17.39 26.81
C THR A 345 1.67 -18.35 27.39
N VAL A 346 1.90 -18.27 28.69
CA VAL A 346 2.83 -19.19 29.34
C VAL A 346 2.17 -20.55 29.51
N THR A 347 2.82 -21.59 29.01
CA THR A 347 2.28 -22.94 29.07
C THR A 347 3.19 -23.94 29.77
N HIS A 348 4.50 -23.88 29.56
CA HIS A 348 5.44 -24.81 30.16
C HIS A 348 6.44 -24.04 31.02
N ILE A 349 6.70 -24.55 32.21
CA ILE A 349 7.65 -23.95 33.14
C ILE A 349 8.69 -24.98 33.53
N PHE A 350 9.96 -24.62 33.37
CA PHE A 350 11.08 -25.48 33.75
C PHE A 350 11.89 -24.76 34.82
N THR A 351 11.91 -25.32 36.03
CA THR A 351 12.68 -24.74 37.12
C THR A 351 14.13 -25.22 37.07
N SER A 352 14.97 -24.56 37.88
CA SER A 352 16.38 -24.96 37.95
C SER A 352 16.55 -26.31 38.63
N ASP A 353 15.55 -26.77 39.37
CA ASP A 353 15.61 -28.07 40.05
C ASP A 353 15.25 -29.23 39.13
N GLY A 354 14.81 -28.95 37.90
CA GLY A 354 14.44 -29.99 36.97
C GLY A 354 12.96 -30.34 36.94
N LEU A 355 12.11 -29.52 37.55
CA LEU A 355 10.69 -29.79 37.58
C LEU A 355 10.00 -29.19 36.37
N HIS A 356 8.99 -29.90 35.85
CA HIS A 356 8.22 -29.46 34.70
C HIS A 356 6.79 -29.16 35.16
N ALA A 357 6.33 -27.94 34.89
CA ALA A 357 5.01 -27.49 35.29
C ALA A 357 4.20 -27.11 34.06
N GLU A 358 2.93 -27.54 34.05
CA GLU A 358 2.02 -27.23 32.96
C GLU A 358 0.98 -26.22 33.42
N VAL A 359 0.72 -25.21 32.59
CA VAL A 359 -0.21 -24.14 32.90
C VAL A 359 -1.35 -24.20 31.90
N THR A 360 -2.57 -24.40 32.40
CA THR A 360 -3.75 -24.45 31.54
C THR A 360 -4.38 -23.08 31.41
N GLY A 361 -5.45 -23.01 30.64
CA GLY A 361 -6.16 -21.77 30.42
C GLY A 361 -5.53 -20.91 29.34
N VAL A 362 -6.39 -20.22 28.59
CA VAL A 362 -5.98 -19.35 27.51
C VAL A 362 -6.50 -17.94 27.79
N GLY A 363 -5.63 -16.95 27.62
CA GLY A 363 -6.00 -15.57 27.84
C GLY A 363 -5.35 -14.97 29.07
N TYR A 364 -5.49 -13.65 29.20
CA TYR A 364 -4.91 -12.91 30.32
C TYR A 364 -5.95 -12.71 31.42
N ASN A 365 -6.26 -13.82 32.10
CA ASN A 365 -7.23 -13.81 33.20
C ASN A 365 -6.73 -14.75 34.30
N GLN A 366 -7.45 -14.74 35.42
CA GLN A 366 -7.11 -15.58 36.56
C GLN A 366 -7.55 -17.03 36.38
N PHE A 367 -8.20 -17.35 35.27
CA PHE A 367 -8.65 -18.72 35.01
C PHE A 367 -7.47 -19.57 34.58
N GLY A 368 -7.21 -20.65 35.31
CA GLY A 368 -6.09 -21.52 35.01
C GLY A 368 -5.44 -22.09 36.25
N GLU A 369 -4.72 -23.20 36.10
CA GLU A 369 -4.06 -23.85 37.21
C GLU A 369 -2.68 -24.35 36.78
N VAL A 370 -1.77 -24.42 37.74
CA VAL A 370 -0.41 -24.92 37.52
C VAL A 370 -0.35 -26.34 38.07
N ILE A 371 0.04 -27.29 37.22
CA ILE A 371 0.12 -28.70 37.58
C ILE A 371 1.58 -29.12 37.52
N VAL A 372 2.07 -29.67 38.63
CA VAL A 372 3.43 -30.20 38.73
C VAL A 372 3.32 -31.64 39.19
N ASP A 373 3.68 -32.58 38.31
CA ASP A 373 3.66 -34.01 38.61
C ASP A 373 2.28 -34.48 39.06
N GLY A 374 1.23 -33.79 38.61
CA GLY A 374 -0.13 -34.12 38.96
C GLY A 374 -0.71 -33.34 40.11
N ASP A 375 0.10 -32.55 40.81
CA ASP A 375 -0.37 -31.78 41.96
C ASP A 375 -0.60 -30.33 41.57
N VAL A 376 -1.69 -29.75 42.07
CA VAL A 376 -2.01 -28.36 41.79
C VAL A 376 -1.21 -27.47 42.73
N VAL A 377 -0.42 -26.56 42.15
CA VAL A 377 0.42 -25.65 42.91
C VAL A 377 -0.27 -24.29 42.96
N HIS A 378 -0.58 -23.83 44.17
CA HIS A 378 -1.23 -22.55 44.38
C HIS A 378 -0.50 -21.76 45.46
N GLY A 379 -0.26 -20.49 45.19
CA GLY A 379 0.44 -19.66 46.16
C GLY A 379 1.90 -20.02 46.25
N PHE A 380 2.42 -20.09 47.47
CA PHE A 380 3.81 -20.42 47.72
C PHE A 380 4.00 -21.88 48.13
N TYR A 381 3.21 -22.79 47.57
CA TYR A 381 3.34 -24.21 47.91
C TYR A 381 4.65 -24.78 47.37
N ASN A 382 5.01 -24.44 46.15
CA ASN A 382 6.25 -24.92 45.53
C ASN A 382 7.25 -23.79 45.49
N PRO A 383 8.40 -23.90 46.17
CA PRO A 383 9.36 -22.79 46.17
C PRO A 383 9.97 -22.51 44.81
N ALA A 384 10.32 -23.55 44.05
CA ALA A 384 10.98 -23.34 42.77
C ALA A 384 10.09 -22.59 41.79
N VAL A 385 8.80 -22.94 41.74
CA VAL A 385 7.89 -22.27 40.82
C VAL A 385 7.55 -20.87 41.32
N SER A 386 7.32 -20.73 42.63
CA SER A 386 6.94 -19.43 43.18
C SER A 386 8.07 -18.42 43.05
N ARG A 387 9.32 -18.87 43.11
CA ARG A 387 10.44 -17.95 42.91
C ARG A 387 10.44 -17.39 41.49
N ILE A 388 10.21 -18.24 40.48
CA ILE A 388 10.13 -17.78 39.11
C ILE A 388 8.95 -16.84 38.93
N VAL A 389 7.82 -17.16 39.57
CA VAL A 389 6.64 -16.30 39.46
C VAL A 389 6.91 -14.93 40.06
N GLU A 390 7.55 -14.88 41.23
CA GLU A 390 7.82 -13.61 41.87
C GLU A 390 8.88 -12.83 41.11
N ALA A 391 9.81 -13.52 40.46
CA ALA A 391 10.81 -12.85 39.65
C ALA A 391 10.18 -12.24 38.40
N GLY A 392 9.23 -12.94 37.80
CA GLY A 392 8.54 -12.40 36.64
C GLY A 392 7.54 -11.31 37.00
N CYS A 393 7.07 -11.31 38.24
CA CYS A 393 6.09 -10.32 38.68
C CYS A 393 6.74 -9.03 39.16
N VAL A 394 7.80 -9.12 39.97
CA VAL A 394 8.44 -7.92 40.50
C VAL A 394 9.17 -7.17 39.39
N CYS A 395 9.61 -7.89 38.35
CA CYS A 395 10.21 -7.26 37.18
C CYS A 395 9.21 -7.25 36.02
N ASN A 396 8.37 -6.22 36.01
CA ASN A 396 7.27 -6.12 35.06
C ASN A 396 6.90 -4.67 34.86
N ASP A 397 6.61 -4.31 33.60
CA ASP A 397 6.19 -2.96 33.25
C ASP A 397 4.76 -2.91 32.72
N ALA A 398 4.22 -4.04 32.27
CA ALA A 398 2.85 -4.09 31.78
C ALA A 398 1.87 -4.24 32.94
N VAL A 399 0.65 -3.75 32.75
CA VAL A 399 -0.38 -3.82 33.77
C VAL A 399 -1.67 -4.36 33.14
N ILE A 400 -2.38 -5.19 33.89
CA ILE A 400 -3.63 -5.79 33.42
C ILE A 400 -4.79 -5.03 34.07
N ARG A 401 -5.81 -4.76 33.26
CA ARG A 401 -7.01 -4.06 33.73
C ARG A 401 -8.17 -4.38 32.80
N ASN A 402 -9.21 -5.01 33.35
CA ASN A 402 -10.41 -5.38 32.59
C ASN A 402 -10.04 -6.21 31.36
N ASN A 403 -9.19 -7.22 31.57
CA ASN A 403 -8.69 -8.10 30.53
C ASN A 403 -7.93 -7.37 29.43
N THR A 404 -7.44 -6.16 29.71
CA THR A 404 -6.65 -5.41 28.74
C THR A 404 -5.24 -5.20 29.28
N LEU A 405 -4.24 -5.38 28.42
CA LEU A 405 -2.85 -5.26 28.82
C LEU A 405 -2.27 -3.94 28.34
N MET A 406 -1.58 -3.23 29.23
CA MET A 406 -0.84 -2.03 28.90
C MET A 406 0.64 -2.31 29.07
N GLY A 407 1.36 -2.45 27.96
CA GLY A 407 2.76 -2.77 27.97
C GLY A 407 3.09 -3.89 27.00
N LYS A 408 4.15 -4.62 27.33
CA LYS A 408 4.60 -5.72 26.48
C LYS A 408 3.76 -6.97 26.74
N PRO A 409 3.32 -7.66 25.69
CA PRO A 409 2.55 -8.89 25.90
C PRO A 409 3.36 -10.01 26.52
N THR A 410 4.68 -10.03 26.27
CA THR A 410 5.52 -11.05 26.89
C THR A 410 5.53 -10.92 28.41
N GLU A 411 5.44 -9.69 28.93
CA GLU A 411 5.32 -9.48 30.36
C GLU A 411 3.89 -9.72 30.84
N GLY A 412 2.91 -9.44 29.97
CA GLY A 412 1.53 -9.76 30.30
C GLY A 412 1.31 -11.26 30.46
N ALA A 413 2.11 -12.06 29.76
CA ALA A 413 2.03 -13.51 29.93
C ALA A 413 2.43 -13.92 31.35
N LEU A 414 3.53 -13.37 31.85
CA LEU A 414 3.93 -13.64 33.23
C LEU A 414 2.93 -13.06 34.21
N ILE A 415 2.33 -11.91 33.87
CA ILE A 415 1.29 -11.33 34.72
C ILE A 415 0.12 -12.30 34.84
N ALA A 416 -0.34 -12.86 33.72
CA ALA A 416 -1.45 -13.81 33.76
C ALA A 416 -1.04 -15.09 34.48
N LEU A 417 0.22 -15.51 34.34
CA LEU A 417 0.70 -16.68 35.06
C LEU A 417 0.64 -16.45 36.56
N ALA A 418 1.05 -15.28 37.02
CA ALA A 418 0.95 -14.95 38.44
C ALA A 418 -0.51 -14.82 38.86
N MET A 419 -1.37 -14.36 37.96
CA MET A 419 -2.79 -14.27 38.26
C MET A 419 -3.40 -15.65 38.49
N LYS A 420 -2.99 -16.63 37.68
CA LYS A 420 -3.54 -17.98 37.82
C LYS A 420 -3.13 -18.63 39.13
N MET A 421 -1.98 -18.24 39.69
CA MET A 421 -1.49 -18.80 40.94
C MET A 421 -1.90 -17.98 42.16
N GLY A 422 -2.66 -16.90 41.97
CA GLY A 422 -3.10 -16.10 43.10
C GLY A 422 -2.04 -15.20 43.69
N LEU A 423 -1.12 -14.70 42.86
CA LEU A 423 -0.04 -13.83 43.32
C LEU A 423 -0.10 -12.47 42.63
N ASP A 424 -1.31 -11.91 42.49
CA ASP A 424 -1.45 -10.62 41.82
C ASP A 424 -0.96 -9.47 42.70
N GLY A 425 -1.22 -9.53 44.00
CA GLY A 425 -0.86 -8.48 44.92
C GLY A 425 0.58 -8.50 45.40
N LEU A 426 1.48 -9.14 44.66
CA LEU A 426 2.88 -9.19 45.09
C LEU A 426 3.70 -8.05 44.50
N GLN A 427 3.30 -7.54 43.34
CA GLN A 427 4.08 -6.49 42.68
C GLN A 427 4.14 -5.23 43.52
N GLN A 428 3.09 -4.93 44.30
CA GLN A 428 3.13 -3.76 45.17
C GLN A 428 3.77 -4.07 46.51
N ASP A 429 4.08 -5.34 46.80
CA ASP A 429 4.75 -5.70 48.04
C ASP A 429 6.23 -5.34 48.04
N TYR A 430 6.78 -4.92 46.90
CA TYR A 430 8.17 -4.52 46.80
C TYR A 430 8.26 -3.08 46.31
N ILE A 431 9.23 -2.33 46.83
CA ILE A 431 9.45 -0.95 46.46
C ILE A 431 10.57 -0.90 45.43
N ARG A 432 10.22 -0.56 44.19
CA ARG A 432 11.19 -0.52 43.10
C ARG A 432 12.15 0.64 43.32
N LYS A 433 13.45 0.35 43.37
CA LYS A 433 14.46 1.37 43.59
C LYS A 433 15.28 1.67 42.36
N ALA A 434 15.82 0.63 41.71
CA ALA A 434 16.65 0.81 40.53
C ALA A 434 16.08 0.00 39.37
N GLU A 435 16.12 0.57 38.17
CA GLU A 435 15.55 -0.08 36.99
C GLU A 435 16.55 -0.02 35.84
N TYR A 436 16.75 -1.16 35.19
CA TYR A 436 17.48 -1.25 33.93
C TYR A 436 16.53 -1.85 32.89
N PRO A 437 16.00 -1.04 31.98
CA PRO A 437 14.92 -1.53 31.11
C PRO A 437 15.43 -2.50 30.05
N PHE A 438 14.46 -3.15 29.40
CA PHE A 438 14.78 -4.09 28.36
C PHE A 438 15.08 -3.39 27.07
N SER A 439 16.27 -3.64 26.53
CA SER A 439 16.71 -3.00 25.30
C SER A 439 17.01 -4.06 24.25
N SER A 440 17.05 -3.63 22.99
CA SER A 440 17.33 -4.56 21.90
C SER A 440 18.79 -4.98 21.89
N GLU A 441 19.68 -4.16 22.43
CA GLU A 441 21.10 -4.50 22.43
C GLU A 441 21.45 -5.43 23.59
N GLN A 442 20.98 -5.09 24.80
CA GLN A 442 21.30 -5.91 25.97
C GLN A 442 20.41 -7.14 26.05
N LYS A 443 19.13 -7.01 25.67
CA LYS A 443 18.16 -8.11 25.68
C LYS A 443 17.93 -8.65 27.10
N TRP A 444 17.95 -7.77 28.09
CA TRP A 444 17.62 -8.16 29.45
C TRP A 444 17.10 -6.95 30.22
N MET A 445 16.22 -7.22 31.18
CA MET A 445 15.64 -6.19 32.04
C MET A 445 15.83 -6.59 33.50
N ALA A 446 16.29 -5.65 34.31
CA ALA A 446 16.60 -5.92 35.70
C ALA A 446 15.96 -4.87 36.60
N VAL A 447 15.54 -5.30 37.79
CA VAL A 447 14.99 -4.40 38.80
C VAL A 447 15.65 -4.71 40.14
N LYS A 448 16.09 -3.67 40.83
CA LYS A 448 16.64 -3.77 42.18
C LYS A 448 15.65 -3.13 43.15
N CYS A 449 15.09 -3.95 44.03
CA CYS A 449 14.02 -3.51 44.91
C CYS A 449 14.23 -4.08 46.31
N VAL A 450 13.45 -3.55 47.26
CA VAL A 450 13.42 -4.04 48.63
C VAL A 450 11.96 -4.27 49.01
N HIS A 451 11.76 -4.97 50.12
CA HIS A 451 10.41 -5.27 50.58
C HIS A 451 9.76 -4.02 51.16
N ARG A 452 8.43 -3.94 51.03
CA ARG A 452 7.72 -2.76 51.51
C ARG A 452 7.64 -2.74 53.03
N THR A 453 7.54 -3.91 53.66
CA THR A 453 7.46 -4.01 55.11
C THR A 453 8.71 -4.61 55.75
N GLN A 454 9.74 -4.91 54.96
CA GLN A 454 10.96 -5.52 55.45
C GLN A 454 12.17 -4.79 54.87
N GLN A 455 12.15 -3.46 54.98
CA GLN A 455 13.22 -2.64 54.43
C GLN A 455 14.59 -2.97 55.03
N ASP A 456 14.62 -3.58 56.21
CA ASP A 456 15.90 -3.94 56.84
C ASP A 456 16.60 -5.08 56.10
N ARG A 457 15.91 -5.84 55.26
CA ARG A 457 16.53 -6.91 54.52
C ARG A 457 17.42 -6.32 53.42
N PRO A 458 18.44 -7.08 52.97
CA PRO A 458 19.29 -6.59 51.89
C PRO A 458 18.49 -6.45 50.59
N GLU A 459 18.92 -5.49 49.76
CA GLU A 459 18.25 -5.24 48.50
C GLU A 459 18.39 -6.45 47.57
N ILE A 460 17.29 -6.81 46.92
CA ILE A 460 17.24 -7.97 46.03
C ILE A 460 17.04 -7.48 44.61
N CYS A 461 17.80 -8.04 43.68
CA CYS A 461 17.72 -7.69 42.26
C CYS A 461 17.28 -8.91 41.46
N PHE A 462 16.36 -8.69 40.54
CA PHE A 462 15.82 -9.73 39.67
C PHE A 462 16.04 -9.33 38.22
N MET A 463 16.58 -10.26 37.43
CA MET A 463 16.88 -10.02 36.03
C MET A 463 16.16 -11.07 35.18
N LYS A 464 15.60 -10.63 34.05
CA LYS A 464 14.93 -11.51 33.12
C LYS A 464 15.36 -11.18 31.69
N GLY A 465 15.21 -12.15 30.81
CA GLY A 465 15.52 -11.91 29.42
C GLY A 465 15.85 -13.20 28.68
N ALA A 466 16.84 -13.09 27.80
CA ALA A 466 17.29 -14.23 27.03
C ALA A 466 18.21 -15.12 27.86
N TYR A 467 18.28 -16.40 27.49
CA TYR A 467 19.09 -17.34 28.25
C TYR A 467 20.57 -17.02 28.14
N GLU A 468 21.06 -16.77 26.91
CA GLU A 468 22.48 -16.52 26.70
C GLU A 468 22.93 -15.23 27.36
N GLN A 469 22.01 -14.28 27.57
CA GLN A 469 22.36 -13.02 28.20
C GLN A 469 22.20 -13.07 29.72
N VAL A 470 21.21 -13.82 30.20
CA VAL A 470 20.98 -13.89 31.65
C VAL A 470 22.02 -14.80 32.30
N ILE A 471 22.31 -15.94 31.67
CA ILE A 471 23.20 -16.93 32.26
C ILE A 471 24.62 -16.39 32.46
N LYS A 472 24.96 -15.28 31.80
CA LYS A 472 26.28 -14.68 32.00
C LYS A 472 26.40 -14.05 33.37
N TYR A 473 25.28 -13.69 34.00
CA TYR A 473 25.27 -13.07 35.32
C TYR A 473 24.93 -14.06 36.43
N CYS A 474 24.64 -15.31 36.11
CA CYS A 474 24.31 -16.32 37.10
C CYS A 474 25.55 -17.11 37.47
N THR A 475 25.78 -17.25 38.77
CA THR A 475 26.92 -18.01 39.29
C THR A 475 26.52 -19.23 40.10
N THR A 476 25.27 -19.30 40.58
CA THR A 476 24.80 -20.41 41.39
C THR A 476 23.43 -20.84 40.90
N TYR A 477 22.93 -21.93 41.50
CA TYR A 477 21.60 -22.45 41.17
C TYR A 477 21.01 -23.11 42.40
N GLN A 478 19.72 -23.39 42.34
CA GLN A 478 18.98 -23.97 43.45
C GLN A 478 18.54 -25.39 43.13
N SER A 479 18.64 -26.27 44.13
CA SER A 479 18.21 -27.67 43.99
C SER A 479 17.85 -28.19 45.37
N LYS A 480 16.60 -28.62 45.53
CA LYS A 480 16.10 -29.17 46.79
C LYS A 480 16.29 -28.19 47.95
N GLY A 481 16.13 -26.90 47.65
CA GLY A 481 16.31 -25.86 48.63
C GLY A 481 17.75 -25.49 48.94
N GLN A 482 18.72 -26.14 48.30
CA GLN A 482 20.12 -25.88 48.54
C GLN A 482 20.73 -25.10 47.39
N THR A 483 21.58 -24.14 47.71
CA THR A 483 22.26 -23.32 46.71
C THR A 483 23.61 -23.95 46.37
N LEU A 484 23.77 -24.40 45.14
CA LEU A 484 25.00 -25.02 44.68
C LEU A 484 25.63 -24.19 43.57
N THR A 485 26.87 -24.50 43.24
CA THR A 485 27.60 -23.75 42.23
C THR A 485 27.25 -24.25 40.83
N LEU A 486 27.13 -23.31 39.89
CA LEU A 486 26.77 -23.63 38.51
C LEU A 486 27.97 -24.31 37.83
N THR A 487 27.83 -25.59 37.54
CA THR A 487 28.84 -26.29 36.77
C THR A 487 28.52 -26.22 35.28
N GLN A 488 29.45 -26.72 34.46
CA GLN A 488 29.24 -26.71 33.01
C GLN A 488 28.14 -27.69 32.62
N GLN A 489 28.03 -28.81 33.33
CA GLN A 489 26.99 -29.79 33.03
C GLN A 489 25.60 -29.21 33.23
N GLN A 490 25.43 -28.38 34.27
CA GLN A 490 24.14 -27.72 34.48
C GLN A 490 23.84 -26.75 33.33
N ARG A 491 24.86 -26.08 32.81
CA ARG A 491 24.66 -25.18 31.67
C ARG A 491 24.26 -25.97 30.43
N ASP A 492 24.89 -27.13 30.19
CA ASP A 492 24.50 -27.95 29.06
C ASP A 492 23.08 -28.49 29.21
N VAL A 493 22.69 -28.84 30.44
CA VAL A 493 21.34 -29.31 30.69
C VAL A 493 20.33 -28.19 30.42
N TYR A 494 20.65 -26.98 30.86
CA TYR A 494 19.77 -25.84 30.60
C TYR A 494 19.67 -25.55 29.10
N GLN A 495 20.79 -25.68 28.38
CA GLN A 495 20.76 -25.46 26.94
C GLN A 495 19.93 -26.53 26.23
N GLN A 496 20.03 -27.78 26.68
CA GLN A 496 19.23 -28.85 26.09
C GLN A 496 17.75 -28.64 26.37
N GLU A 497 17.42 -28.17 27.58
CA GLU A 497 16.01 -27.88 27.88
C GLU A 497 15.50 -26.71 27.06
N LYS A 498 16.34 -25.69 26.86
CA LYS A 498 15.95 -24.57 26.00
C LYS A 498 15.74 -25.06 24.57
N ALA A 499 16.56 -25.99 24.11
CA ALA A 499 16.38 -26.55 22.78
C ALA A 499 15.07 -27.33 22.68
N ARG A 500 14.76 -28.12 23.69
CA ARG A 500 13.51 -28.88 23.70
C ARG A 500 12.31 -27.94 23.71
N MET A 501 12.42 -26.82 24.42
CA MET A 501 11.33 -25.84 24.44
C MET A 501 11.19 -25.14 23.11
N GLY A 502 12.31 -24.77 22.48
CA GLY A 502 12.25 -24.07 21.22
C GLY A 502 11.78 -24.95 20.07
N SER A 503 12.05 -26.26 20.16
CA SER A 503 11.60 -27.18 19.13
C SER A 503 10.09 -27.25 19.03
N ALA A 504 9.37 -26.95 20.11
CA ALA A 504 7.92 -26.95 20.12
C ALA A 504 7.32 -25.58 19.83
N GLY A 505 8.15 -24.58 19.51
CA GLY A 505 7.64 -23.26 19.21
C GLY A 505 7.36 -22.39 20.40
N LEU A 506 8.03 -22.63 21.53
CA LEU A 506 7.83 -21.84 22.74
C LEU A 506 8.95 -20.82 22.90
N ARG A 507 8.58 -19.59 23.23
CA ARG A 507 9.60 -18.58 23.48
C ARG A 507 10.21 -18.85 24.83
N VAL A 508 11.51 -18.92 24.89
CA VAL A 508 12.25 -19.21 26.11
C VAL A 508 12.59 -17.89 26.80
N LEU A 509 12.48 -17.87 28.12
CA LEU A 509 12.79 -16.68 28.91
C LEU A 509 13.48 -17.12 30.20
N ALA A 510 14.70 -16.62 30.39
CA ALA A 510 15.50 -16.95 31.57
C ALA A 510 15.33 -15.87 32.63
N LEU A 511 15.37 -16.29 33.90
CA LEU A 511 15.22 -15.40 35.05
C LEU A 511 16.23 -15.77 36.12
N ALA A 512 16.77 -14.74 36.79
CA ALA A 512 17.74 -14.93 37.85
C ALA A 512 17.48 -13.91 38.95
N SER A 513 17.93 -14.24 40.16
CA SER A 513 17.72 -13.38 41.32
C SER A 513 18.98 -13.39 42.17
N GLY A 514 19.24 -12.28 42.85
CA GLY A 514 20.40 -12.19 43.71
C GLY A 514 20.45 -10.96 44.57
N PRO A 515 21.54 -10.82 45.33
CA PRO A 515 21.72 -9.57 46.10
C PRO A 515 22.23 -8.42 45.25
N GLU A 516 23.09 -8.71 44.27
CA GLU A 516 23.63 -7.70 43.38
C GLU A 516 23.88 -8.32 42.02
N LEU A 517 24.08 -7.46 41.03
CA LEU A 517 24.33 -7.93 39.66
C LEU A 517 25.71 -8.57 39.57
N GLY A 518 25.75 -9.82 39.12
CA GLY A 518 26.99 -10.56 38.97
C GLY A 518 27.05 -11.84 39.77
N GLN A 519 26.31 -11.94 40.87
CA GLN A 519 26.29 -13.10 41.73
C GLN A 519 24.87 -13.68 41.83
N LEU A 520 24.21 -13.80 40.68
CA LEU A 520 22.81 -14.23 40.66
C LEU A 520 22.72 -15.74 40.65
N THR A 521 21.56 -16.24 41.09
CA THR A 521 21.18 -17.64 40.95
C THR A 521 20.06 -17.73 39.92
N PHE A 522 20.16 -18.71 39.02
CA PHE A 522 19.19 -18.87 37.94
C PHE A 522 17.99 -19.67 38.44
N LEU A 523 16.80 -19.10 38.30
CA LEU A 523 15.58 -19.70 38.84
C LEU A 523 14.97 -20.75 37.92
N GLY A 524 14.83 -20.45 36.63
CA GLY A 524 14.29 -21.41 35.70
C GLY A 524 13.83 -20.73 34.42
N LEU A 525 13.31 -21.56 33.51
CA LEU A 525 12.83 -21.11 32.22
C LEU A 525 11.31 -21.28 32.14
N VAL A 526 10.68 -20.49 31.27
CA VAL A 526 9.25 -20.55 31.05
C VAL A 526 8.99 -20.63 29.54
N GLY A 527 8.00 -21.42 29.17
CA GLY A 527 7.64 -21.57 27.76
C GLY A 527 6.47 -20.68 27.36
N ILE A 528 6.77 -19.56 26.72
CA ILE A 528 5.75 -18.58 26.34
C ILE A 528 5.37 -18.88 24.89
N ILE A 529 4.30 -19.65 24.72
CA ILE A 529 3.82 -19.98 23.38
C ILE A 529 3.14 -18.77 22.76
N ASP A 530 3.13 -18.72 21.44
CA ASP A 530 2.55 -17.63 20.67
C ASP A 530 1.69 -18.21 19.56
N PRO A 531 0.37 -18.14 19.65
CA PRO A 531 -0.49 -18.72 18.61
C PRO A 531 -0.41 -17.91 17.32
N PRO A 532 -0.08 -18.56 16.21
CA PRO A 532 0.02 -17.83 14.94
C PRO A 532 -1.36 -17.47 14.40
N ARG A 533 -1.38 -16.50 13.49
CA ARG A 533 -2.62 -16.09 12.86
C ARG A 533 -3.12 -17.17 11.92
N THR A 534 -4.44 -17.26 11.77
CA THR A 534 -5.05 -18.27 10.91
C THR A 534 -5.10 -17.76 9.47
N GLY A 535 -4.68 -18.61 8.53
CA GLY A 535 -4.71 -18.29 7.12
C GLY A 535 -3.36 -17.87 6.54
N VAL A 536 -2.35 -17.67 7.39
CA VAL A 536 -1.03 -17.26 6.93
C VAL A 536 -0.32 -18.45 6.31
N LYS A 537 -0.66 -19.66 6.75
CA LYS A 537 0.01 -20.86 6.25
C LYS A 537 -0.18 -21.02 4.75
N GLU A 538 -1.43 -21.06 4.29
CA GLU A 538 -1.69 -21.23 2.87
C GLU A 538 -1.21 -20.03 2.06
N ALA A 539 -1.25 -18.84 2.66
CA ALA A 539 -0.76 -17.65 1.96
C ALA A 539 0.74 -17.75 1.69
N VAL A 540 1.53 -18.10 2.71
CA VAL A 540 2.97 -18.24 2.52
C VAL A 540 3.27 -19.43 1.61
N THR A 541 2.42 -20.46 1.66
CA THR A 541 2.63 -21.61 0.78
C THR A 541 2.45 -21.24 -0.68
N THR A 542 1.38 -20.51 -0.99
CA THR A 542 1.13 -20.11 -2.38
C THR A 542 2.00 -18.94 -2.81
N LEU A 543 2.63 -18.24 -1.86
CA LEU A 543 3.51 -17.13 -2.22
C LEU A 543 4.85 -17.63 -2.73
N ILE A 544 5.53 -18.49 -1.96
CA ILE A 544 6.83 -19.01 -2.35
C ILE A 544 6.73 -20.06 -3.45
N ALA A 545 5.53 -20.62 -3.69
CA ALA A 545 5.38 -21.62 -4.73
C ALA A 545 5.67 -21.06 -6.11
N SER A 546 5.55 -19.75 -6.29
CA SER A 546 5.83 -19.13 -7.58
C SER A 546 6.15 -17.66 -7.35
N GLY A 547 7.38 -17.26 -7.65
CA GLY A 547 7.75 -15.86 -7.60
C GLY A 547 8.41 -15.40 -6.31
N VAL A 548 7.63 -14.79 -5.42
CA VAL A 548 8.19 -14.15 -4.25
C VAL A 548 8.80 -15.18 -3.30
N SER A 549 9.66 -14.70 -2.41
CA SER A 549 10.28 -15.51 -1.37
C SER A 549 10.21 -14.74 -0.06
N ILE A 550 9.66 -15.38 0.98
CA ILE A 550 9.45 -14.74 2.27
C ILE A 550 10.62 -15.07 3.19
N LYS A 551 11.02 -14.10 4.01
CA LYS A 551 12.07 -14.26 5.00
C LYS A 551 11.48 -14.08 6.39
N MET A 552 12.34 -14.12 7.40
CA MET A 552 11.89 -14.00 8.78
C MET A 552 12.98 -13.34 9.61
N ILE A 553 12.72 -12.15 10.11
CA ILE A 553 13.63 -11.44 11.01
C ILE A 553 12.93 -11.35 12.36
N THR A 554 13.21 -12.30 13.24
CA THR A 554 12.52 -12.42 14.52
C THR A 554 13.29 -11.82 15.68
N GLY A 555 14.62 -11.88 15.66
CA GLY A 555 15.44 -11.45 16.76
C GLY A 555 15.50 -12.42 17.92
N ASP A 556 14.70 -13.47 17.90
CA ASP A 556 14.74 -14.46 18.96
C ASP A 556 15.85 -15.46 18.76
N SER A 557 15.76 -16.62 19.39
CA SER A 557 16.73 -17.67 19.16
C SER A 557 16.44 -18.40 17.85
N GLN A 558 17.37 -19.27 17.46
CA GLN A 558 17.22 -20.02 16.22
C GLN A 558 16.17 -21.11 16.36
N GLU A 559 16.04 -21.68 17.57
CA GLU A 559 15.20 -22.85 17.77
C GLU A 559 13.72 -22.55 17.52
N THR A 560 13.16 -21.59 18.28
CA THR A 560 11.75 -21.27 18.12
C THR A 560 11.48 -20.64 16.76
N ALA A 561 12.45 -19.91 16.22
CA ALA A 561 12.28 -19.33 14.88
C ALA A 561 12.14 -20.41 13.83
N VAL A 562 13.02 -21.41 13.86
CA VAL A 562 12.93 -22.52 12.92
C VAL A 562 11.65 -23.31 13.15
N ALA A 563 11.24 -23.48 14.41
CA ALA A 563 10.00 -24.18 14.70
C ALA A 563 8.81 -23.49 14.07
N ILE A 564 8.70 -22.17 14.24
CA ILE A 564 7.59 -21.43 13.64
C ILE A 564 7.68 -21.43 12.12
N ALA A 565 8.89 -21.30 11.58
CA ALA A 565 9.06 -21.29 10.13
C ALA A 565 8.74 -22.64 9.52
N SER A 566 8.84 -23.72 10.31
CA SER A 566 8.44 -25.02 9.82
C SER A 566 6.95 -25.26 10.01
N ARG A 567 6.37 -24.71 11.07
CA ARG A 567 4.93 -24.86 11.28
C ARG A 567 4.13 -24.11 10.22
N LEU A 568 4.39 -22.81 10.05
CA LEU A 568 3.71 -22.07 9.00
C LEU A 568 4.24 -22.44 7.62
N GLY A 569 5.52 -22.81 7.54
CA GLY A 569 6.16 -23.22 6.30
C GLY A 569 7.03 -22.13 5.71
N LEU A 570 8.33 -22.17 6.04
CA LEU A 570 9.31 -21.28 5.44
C LEU A 570 10.64 -21.94 5.15
N TYR A 571 10.91 -23.14 5.68
CA TYR A 571 12.24 -23.75 5.65
C TYR A 571 12.20 -24.95 4.70
N SER A 572 12.78 -24.79 3.52
CA SER A 572 12.87 -25.88 2.57
C SER A 572 14.01 -26.82 2.98
N LYS A 573 14.20 -27.88 2.18
CA LYS A 573 15.27 -28.84 2.48
C LYS A 573 16.64 -28.20 2.28
N THR A 574 16.75 -27.25 1.37
CA THR A 574 17.99 -26.52 1.11
C THR A 574 17.79 -25.08 1.59
N SER A 575 18.07 -24.86 2.87
CA SER A 575 17.91 -23.53 3.46
C SER A 575 18.81 -23.46 4.70
N GLN A 576 19.42 -22.31 4.93
CA GLN A 576 20.27 -22.09 6.09
C GLN A 576 19.71 -20.98 6.97
N SER A 577 20.40 -20.72 8.08
CA SER A 577 20.00 -19.70 9.03
C SER A 577 21.26 -19.07 9.63
N VAL A 578 21.28 -17.74 9.71
CA VAL A 578 22.43 -17.00 10.20
C VAL A 578 22.04 -16.28 11.48
N SER A 579 23.04 -16.01 12.32
CA SER A 579 22.82 -15.33 13.59
C SER A 579 22.83 -13.82 13.37
N GLY A 580 22.80 -13.06 14.46
CA GLY A 580 22.91 -11.61 14.38
C GLY A 580 24.35 -11.14 14.51
N GLU A 581 25.11 -11.81 15.39
CA GLU A 581 26.53 -11.49 15.51
C GLU A 581 27.30 -11.83 14.24
N GLU A 582 26.78 -12.77 13.45
CA GLU A 582 27.41 -13.07 12.16
C GLU A 582 27.19 -11.94 11.17
N ILE A 583 26.01 -11.33 11.18
CA ILE A 583 25.75 -10.18 10.30
C ILE A 583 26.51 -8.96 10.80
N ASP A 584 26.69 -8.85 12.12
CA ASP A 584 27.43 -7.72 12.67
C ASP A 584 28.88 -7.72 12.20
N ALA A 585 29.58 -8.84 12.39
CA ALA A 585 30.99 -8.97 12.02
C ALA A 585 31.16 -9.48 10.59
N MET A 586 30.51 -8.82 9.65
CA MET A 586 30.60 -9.19 8.24
C MET A 586 30.10 -8.02 7.39
N ASP A 587 30.78 -7.79 6.27
CA ASP A 587 30.41 -6.71 5.37
C ASP A 587 29.25 -7.12 4.47
N VAL A 588 28.91 -6.24 3.53
CA VAL A 588 27.79 -6.49 2.63
C VAL A 588 28.18 -7.47 1.54
N GLN A 589 29.43 -7.42 1.08
CA GLN A 589 29.85 -8.25 -0.04
C GLN A 589 29.84 -9.73 0.33
N GLN A 590 30.37 -10.08 1.51
CA GLN A 590 30.38 -11.46 1.93
C GLN A 590 28.97 -11.96 2.27
N LEU A 591 28.09 -11.05 2.69
CA LEU A 591 26.72 -11.43 3.00
C LEU A 591 25.87 -11.64 1.75
N SER A 592 26.19 -10.92 0.66
CA SER A 592 25.40 -10.99 -0.55
C SER A 592 25.42 -12.35 -1.22
N GLN A 593 26.26 -13.28 -0.77
CA GLN A 593 26.36 -14.60 -1.38
C GLN A 593 25.67 -15.69 -0.57
N ILE A 594 24.97 -15.34 0.50
CA ILE A 594 24.31 -16.34 1.35
C ILE A 594 22.86 -15.94 1.59
N VAL A 595 22.50 -14.73 1.14
CA VAL A 595 21.13 -14.26 1.37
C VAL A 595 20.09 -15.02 0.54
N PRO A 596 20.30 -15.30 -0.75
CA PRO A 596 19.29 -16.07 -1.50
C PRO A 596 19.05 -17.47 -0.96
N LYS A 597 19.90 -17.96 -0.05
CA LYS A 597 19.69 -19.27 0.56
C LYS A 597 19.09 -19.18 1.96
N VAL A 598 19.49 -18.19 2.74
CA VAL A 598 18.96 -18.05 4.10
C VAL A 598 17.54 -17.49 4.04
N ALA A 599 16.69 -17.93 4.97
CA ALA A 599 15.32 -17.45 5.05
C ALA A 599 14.87 -17.13 6.47
N VAL A 600 15.74 -17.33 7.46
CA VAL A 600 15.41 -17.06 8.85
C VAL A 600 16.56 -16.28 9.48
N PHE A 601 16.24 -15.13 10.08
CA PHE A 601 17.22 -14.28 10.74
C PHE A 601 16.90 -14.22 12.23
N TYR A 602 17.59 -15.03 13.02
CA TYR A 602 17.38 -15.07 14.46
C TYR A 602 18.46 -14.26 15.18
N ARG A 603 18.13 -13.84 16.40
CA ARG A 603 19.03 -13.04 17.23
C ARG A 603 19.48 -11.78 16.51
N ALA A 604 18.60 -11.24 15.66
CA ALA A 604 18.90 -10.07 14.85
C ALA A 604 18.40 -8.81 15.55
N SER A 605 18.46 -7.69 14.83
CA SER A 605 18.06 -6.39 15.35
C SER A 605 17.78 -5.47 14.17
N PRO A 606 16.93 -4.44 14.34
CA PRO A 606 16.71 -3.49 13.24
C PRO A 606 17.98 -2.85 12.71
N ARG A 607 18.99 -2.66 13.56
CA ARG A 607 20.27 -2.11 13.10
C ARG A 607 20.88 -2.97 12.00
N HIS A 608 20.67 -4.29 12.08
CA HIS A 608 21.12 -5.19 11.03
C HIS A 608 20.28 -5.08 9.77
N LYS A 609 18.98 -4.81 9.90
CA LYS A 609 18.07 -4.82 8.75
C LYS A 609 18.60 -3.97 7.61
N MET A 610 18.94 -2.70 7.87
CA MET A 610 19.51 -1.84 6.85
C MET A 610 20.63 -2.53 6.11
N LYS A 611 21.61 -3.08 6.85
CA LYS A 611 22.71 -3.80 6.21
C LYS A 611 22.20 -4.91 5.31
N ILE A 612 21.29 -5.74 5.82
CA ILE A 612 20.70 -6.79 4.99
C ILE A 612 20.09 -6.19 3.73
N ILE A 613 19.39 -5.06 3.88
CA ILE A 613 18.80 -4.41 2.70
C ILE A 613 19.88 -4.12 1.67
N LYS A 614 21.03 -3.61 2.11
CA LYS A 614 22.14 -3.36 1.19
C LYS A 614 22.50 -4.63 0.42
N SER A 615 22.60 -5.75 1.12
CA SER A 615 22.87 -7.01 0.44
C SER A 615 21.73 -7.36 -0.52
N LEU A 616 20.48 -7.13 -0.10
CA LEU A 616 19.35 -7.38 -0.98
C LEU A 616 19.33 -6.38 -2.13
N GLN A 617 20.08 -5.28 -2.01
CA GLN A 617 20.24 -4.35 -3.11
C GLN A 617 21.51 -4.61 -3.91
N LYS A 618 22.34 -5.56 -3.48
CA LYS A 618 23.55 -5.88 -4.22
C LYS A 618 23.24 -6.67 -5.48
N ASN A 619 22.43 -7.72 -5.35
CA ASN A 619 22.01 -8.51 -6.50
C ASN A 619 20.78 -7.88 -7.13
N GLY A 620 20.17 -8.58 -8.09
CA GLY A 620 18.97 -8.08 -8.73
C GLY A 620 17.70 -8.50 -8.00
N SER A 621 17.17 -7.60 -7.18
CA SER A 621 15.97 -7.89 -6.40
C SER A 621 15.43 -6.56 -5.87
N VAL A 622 14.20 -6.61 -5.36
CA VAL A 622 13.55 -5.44 -4.78
C VAL A 622 12.95 -5.84 -3.44
N VAL A 623 13.11 -4.97 -2.43
CA VAL A 623 12.83 -5.31 -1.05
C VAL A 623 11.42 -4.89 -0.65
N ALA A 624 10.79 -5.65 0.25
CA ALA A 624 9.51 -5.27 0.83
C ALA A 624 9.63 -5.50 2.34
N MET A 625 10.03 -4.45 3.06
CA MET A 625 10.28 -4.55 4.49
C MET A 625 8.98 -4.35 5.28
N THR A 626 9.06 -4.66 6.58
CA THR A 626 7.90 -4.58 7.46
C THR A 626 8.24 -3.92 8.80
N GLY A 627 8.94 -2.78 8.76
CA GLY A 627 9.28 -2.10 9.99
C GLY A 627 8.06 -1.48 10.65
N ASP A 628 7.99 -1.63 11.97
CA ASP A 628 6.86 -1.13 12.76
C ASP A 628 7.26 -0.25 13.93
N GLY A 629 8.39 -0.53 14.57
CA GLY A 629 8.78 0.20 15.77
C GLY A 629 9.74 1.35 15.48
N VAL A 630 10.25 1.93 16.57
CA VAL A 630 11.19 3.03 16.46
C VAL A 630 12.53 2.53 15.91
N ASN A 631 13.31 3.47 15.36
CA ASN A 631 14.61 3.18 14.76
C ASN A 631 14.47 2.20 13.59
N ASP A 632 13.35 2.29 12.87
CA ASP A 632 13.13 1.42 11.71
C ASP A 632 12.61 2.20 10.50
N ALA A 633 12.48 3.52 10.59
CA ALA A 633 12.01 4.30 9.46
C ALA A 633 13.10 4.52 8.42
N VAL A 634 14.36 4.59 8.84
CA VAL A 634 15.45 4.76 7.89
C VAL A 634 15.61 3.51 7.04
N ALA A 635 15.33 2.33 7.62
CA ALA A 635 15.37 1.11 6.83
C ALA A 635 14.22 1.05 5.82
N LEU A 636 13.07 1.63 6.17
CA LEU A 636 11.97 1.70 5.22
C LEU A 636 12.27 2.69 4.11
N LYS A 637 12.91 3.82 4.44
CA LYS A 637 13.25 4.81 3.43
C LYS A 637 14.35 4.30 2.50
N ALA A 638 15.31 3.55 3.03
CA ALA A 638 16.37 3.01 2.17
C ALA A 638 15.83 1.93 1.24
N ALA A 639 14.92 1.10 1.72
CA ALA A 639 14.30 0.09 0.86
C ALA A 639 13.35 0.75 -0.13
N ASP A 640 12.94 -0.02 -1.13
CA ASP A 640 12.03 0.50 -2.14
C ASP A 640 10.65 0.79 -1.54
N ILE A 641 10.09 -0.19 -0.83
CA ILE A 641 8.81 -0.03 -0.16
C ILE A 641 8.95 -0.48 1.29
N GLY A 642 8.12 0.10 2.16
CA GLY A 642 8.14 -0.24 3.57
C GLY A 642 6.75 -0.42 4.14
N VAL A 643 6.52 -1.56 4.81
CA VAL A 643 5.20 -1.88 5.35
C VAL A 643 5.20 -1.50 6.83
N ALA A 644 4.51 -0.42 7.16
CA ALA A 644 4.36 -0.01 8.55
C ALA A 644 2.99 -0.43 9.07
N MET A 645 2.93 -0.83 10.33
CA MET A 645 1.68 -1.27 10.92
C MET A 645 0.91 -0.07 11.47
N GLY A 646 -0.41 -0.22 11.51
CA GLY A 646 -1.29 0.86 11.94
C GLY A 646 -1.47 0.93 13.44
N GLN A 647 -1.76 -0.21 14.06
CA GLN A 647 -2.01 -0.23 15.51
C GLN A 647 -0.71 0.03 16.28
N THR A 648 0.29 -0.82 16.11
CA THR A 648 1.57 -0.67 16.79
C THR A 648 2.56 -0.01 15.82
N GLY A 649 2.40 1.30 15.65
CA GLY A 649 3.24 2.04 14.73
C GLY A 649 3.41 3.50 15.12
N THR A 650 4.66 3.96 15.18
CA THR A 650 4.93 5.35 15.50
C THR A 650 4.79 6.23 14.26
N ASP A 651 4.75 7.55 14.48
CA ASP A 651 4.58 8.48 13.37
C ASP A 651 5.85 8.59 12.53
N VAL A 652 7.02 8.47 13.15
CA VAL A 652 8.27 8.51 12.40
C VAL A 652 8.32 7.40 11.35
N CYS A 653 7.90 6.20 11.75
CA CYS A 653 7.85 5.09 10.82
C CYS A 653 6.55 5.05 10.02
N LYS A 654 5.71 6.07 10.15
CA LYS A 654 4.45 6.11 9.40
C LYS A 654 4.50 7.13 8.27
N GLU A 655 4.83 8.39 8.58
CA GLU A 655 4.81 9.42 7.55
C GLU A 655 6.04 9.36 6.66
N ALA A 656 7.22 9.19 7.25
CA ALA A 656 8.45 9.01 6.47
C ALA A 656 8.65 7.54 6.13
N ALA A 657 7.68 7.00 5.40
CA ALA A 657 7.61 5.57 5.14
C ALA A 657 6.77 5.35 3.89
N ASP A 658 6.30 4.12 3.70
CA ASP A 658 5.56 3.73 2.50
C ASP A 658 4.32 2.98 2.97
N MET A 659 3.68 2.26 2.04
CA MET A 659 2.39 1.60 2.23
C MET A 659 2.25 0.99 3.61
N ILE A 660 1.15 1.35 4.29
CA ILE A 660 0.90 0.95 5.67
C ILE A 660 -0.27 -0.04 5.66
N LEU A 661 -0.34 -0.88 6.69
CA LEU A 661 -1.40 -1.86 6.80
C LEU A 661 -2.09 -1.73 8.15
N VAL A 662 -3.33 -1.26 8.14
CA VAL A 662 -4.18 -1.32 9.33
C VAL A 662 -4.77 -2.71 9.42
N ASP A 663 -5.08 -3.15 10.64
CA ASP A 663 -5.52 -4.52 10.92
C ASP A 663 -4.45 -5.51 10.45
N ASP A 664 -3.31 -5.44 11.14
CA ASP A 664 -2.09 -6.17 10.78
C ASP A 664 -2.37 -7.61 10.42
N ASP A 665 -1.94 -8.00 9.21
CA ASP A 665 -2.07 -9.36 8.72
C ASP A 665 -1.10 -9.52 7.56
N PHE A 666 -0.91 -10.77 7.11
CA PHE A 666 0.06 -11.07 6.07
C PHE A 666 -0.55 -11.21 4.68
N GLN A 667 -1.81 -11.62 4.57
CA GLN A 667 -2.42 -11.82 3.26
C GLN A 667 -2.76 -10.50 2.57
N THR A 668 -2.70 -9.38 3.29
CA THR A 668 -3.03 -8.10 2.68
C THR A 668 -1.98 -7.67 1.66
N ILE A 669 -0.71 -7.98 1.91
CA ILE A 669 0.33 -7.71 0.92
C ILE A 669 0.09 -8.53 -0.34
N MET A 670 -0.31 -9.79 -0.17
CA MET A 670 -0.64 -10.62 -1.32
C MET A 670 -1.84 -10.06 -2.09
N SER A 671 -2.86 -9.58 -1.37
CA SER A 671 -4.01 -8.97 -2.03
C SER A 671 -3.61 -7.73 -2.81
N ALA A 672 -2.74 -6.90 -2.24
CA ALA A 672 -2.27 -5.71 -2.95
C ALA A 672 -1.46 -6.10 -4.18
N ILE A 673 -0.66 -7.16 -4.08
CA ILE A 673 0.11 -7.64 -5.22
C ILE A 673 -0.82 -8.10 -6.35
N GLU A 674 -1.86 -8.87 -5.99
CA GLU A 674 -2.84 -9.29 -6.98
C GLU A 674 -3.56 -8.09 -7.60
N GLU A 675 -3.87 -7.09 -6.78
CA GLU A 675 -4.53 -5.89 -7.31
C GLU A 675 -3.64 -5.16 -8.31
N GLY A 676 -2.36 -4.99 -7.98
CA GLY A 676 -1.45 -4.33 -8.91
C GLY A 676 -1.27 -5.12 -10.19
N LYS A 677 -1.13 -6.44 -10.09
CA LYS A 677 -1.00 -7.26 -11.29
C LYS A 677 -2.28 -7.22 -12.14
N GLY A 678 -3.45 -7.15 -11.50
CA GLY A 678 -4.68 -7.01 -12.25
C GLY A 678 -4.79 -5.67 -12.93
N ILE A 679 -4.33 -4.60 -12.27
CA ILE A 679 -4.27 -3.29 -12.91
C ILE A 679 -3.39 -3.34 -14.15
N TYR A 680 -2.21 -3.94 -14.03
CA TYR A 680 -1.31 -4.03 -15.17
C TYR A 680 -1.91 -4.87 -16.28
N ASN A 681 -2.60 -5.95 -15.93
CA ASN A 681 -3.23 -6.80 -16.95
C ASN A 681 -4.36 -6.07 -17.66
N ASN A 682 -5.13 -5.26 -16.92
CA ASN A 682 -6.19 -4.49 -17.54
C ASN A 682 -5.62 -3.42 -18.48
N ILE A 683 -4.54 -2.77 -18.06
CA ILE A 683 -3.88 -1.80 -18.94
C ILE A 683 -3.38 -2.49 -20.20
N LYS A 684 -2.78 -3.67 -20.05
CA LYS A 684 -2.29 -4.42 -21.20
C LYS A 684 -3.42 -4.81 -22.13
N ASN A 685 -4.57 -5.22 -21.57
CA ASN A 685 -5.71 -5.59 -22.40
C ASN A 685 -6.27 -4.39 -23.14
N PHE A 686 -6.36 -3.25 -22.47
CA PHE A 686 -6.82 -2.03 -23.15
C PHE A 686 -5.88 -1.65 -24.29
N VAL A 687 -4.57 -1.71 -24.04
CA VAL A 687 -3.61 -1.38 -25.09
C VAL A 687 -3.71 -2.37 -26.25
N ARG A 688 -3.89 -3.65 -25.93
CA ARG A 688 -4.07 -4.67 -26.97
C ARG A 688 -5.27 -4.36 -27.84
N PHE A 689 -6.42 -4.11 -27.21
CA PHE A 689 -7.64 -3.82 -27.97
C PHE A 689 -7.47 -2.56 -28.82
N GLN A 690 -6.92 -1.50 -28.24
CA GLN A 690 -6.75 -0.25 -28.98
C GLN A 690 -5.82 -0.43 -30.17
N LEU A 691 -4.67 -1.08 -29.96
CA LEU A 691 -3.72 -1.26 -31.05
C LEU A 691 -4.28 -2.18 -32.12
N SER A 692 -5.01 -3.23 -31.72
CA SER A 692 -5.62 -4.12 -32.71
C SER A 692 -6.62 -3.38 -33.57
N THR A 693 -7.50 -2.59 -32.93
CA THR A 693 -8.49 -1.83 -33.69
C THR A 693 -7.83 -0.82 -34.61
N SER A 694 -6.80 -0.12 -34.11
CA SER A 694 -6.12 0.87 -34.94
C SER A 694 -5.42 0.24 -36.13
N ILE A 695 -4.72 -0.87 -35.92
CA ILE A 695 -4.04 -1.55 -37.02
C ILE A 695 -5.06 -2.07 -38.03
N ALA A 696 -6.16 -2.63 -37.55
CA ALA A 696 -7.19 -3.14 -38.46
C ALA A 696 -7.75 -2.01 -39.32
N ALA A 697 -8.09 -0.88 -38.69
CA ALA A 697 -8.63 0.24 -39.44
C ALA A 697 -7.62 0.78 -40.45
N LEU A 698 -6.35 0.87 -40.04
CA LEU A 698 -5.33 1.42 -40.93
C LEU A 698 -5.11 0.52 -42.14
N THR A 699 -4.95 -0.79 -41.93
CA THR A 699 -4.75 -1.69 -43.06
C THR A 699 -5.99 -1.79 -43.93
N LEU A 700 -7.18 -1.67 -43.33
CA LEU A 700 -8.40 -1.67 -44.12
C LEU A 700 -8.47 -0.46 -45.02
N ILE A 701 -8.17 0.73 -44.47
CA ILE A 701 -8.18 1.94 -45.27
C ILE A 701 -7.13 1.86 -46.37
N SER A 702 -5.97 1.28 -46.06
CA SER A 702 -4.92 1.15 -47.07
C SER A 702 -5.35 0.22 -48.20
N LEU A 703 -5.85 -0.97 -47.88
CA LEU A 703 -6.31 -1.90 -48.90
C LEU A 703 -7.50 -1.33 -49.67
N ALA A 704 -8.25 -0.41 -49.07
CA ALA A 704 -9.36 0.20 -49.78
C ALA A 704 -8.87 1.25 -50.78
N THR A 705 -8.00 2.16 -50.33
CA THR A 705 -7.51 3.22 -51.19
C THR A 705 -6.24 2.84 -51.94
N LEU A 706 -5.92 1.55 -52.05
CA LEU A 706 -4.68 1.13 -52.69
C LEU A 706 -4.57 1.61 -54.13
N MET A 707 -5.42 1.13 -55.03
CA MET A 707 -5.35 1.53 -56.43
C MET A 707 -6.75 1.67 -57.04
N ASN A 708 -7.78 1.27 -56.28
CA ASN A 708 -9.15 1.31 -56.77
C ASN A 708 -10.13 0.97 -55.65
N PHE A 709 -11.43 1.05 -55.96
CA PHE A 709 -12.50 0.74 -55.01
C PHE A 709 -12.33 1.55 -53.73
N PRO A 710 -12.62 2.86 -53.77
CA PRO A 710 -12.34 3.72 -52.61
C PRO A 710 -13.03 3.23 -51.34
N ASN A 711 -12.59 3.80 -50.22
CA ASN A 711 -13.01 3.31 -48.91
C ASN A 711 -14.52 3.48 -48.72
N PRO A 712 -15.21 2.42 -48.30
CA PRO A 712 -16.64 2.56 -47.97
C PRO A 712 -16.88 3.29 -46.66
N LEU A 713 -15.83 3.58 -45.90
CA LEU A 713 -15.94 4.28 -44.63
C LEU A 713 -15.66 5.76 -44.84
N ASN A 714 -16.63 6.60 -44.47
CA ASN A 714 -16.51 8.03 -44.64
C ASN A 714 -15.82 8.65 -43.43
N ALA A 715 -15.73 9.98 -43.39
CA ALA A 715 -15.08 10.64 -42.28
C ALA A 715 -15.92 10.56 -41.01
N MET A 716 -17.23 10.75 -41.13
CA MET A 716 -18.09 10.69 -39.96
C MET A 716 -18.15 9.28 -39.39
N GLN A 717 -18.18 8.26 -40.25
CA GLN A 717 -18.22 6.88 -39.77
C GLN A 717 -16.93 6.54 -39.03
N ILE A 718 -15.78 6.93 -39.57
CA ILE A 718 -14.52 6.64 -38.90
C ILE A 718 -14.38 7.45 -37.62
N LEU A 719 -14.96 8.66 -37.58
CA LEU A 719 -14.93 9.43 -36.34
C LEU A 719 -15.81 8.79 -35.27
N TRP A 720 -16.97 8.25 -35.67
CA TRP A 720 -17.79 7.51 -34.72
C TRP A 720 -17.10 6.24 -34.25
N ILE A 721 -16.34 5.60 -35.14
CA ILE A 721 -15.55 4.44 -34.75
C ILE A 721 -14.47 4.84 -33.75
N ASN A 722 -13.85 6.00 -33.95
CA ASN A 722 -12.90 6.51 -32.97
C ASN A 722 -13.56 6.77 -31.62
N ILE A 723 -14.76 7.34 -31.64
CA ILE A 723 -15.50 7.58 -30.41
C ILE A 723 -15.80 6.28 -29.68
N ILE A 724 -16.19 5.25 -30.44
CA ILE A 724 -16.53 3.97 -29.81
C ILE A 724 -15.27 3.20 -29.41
N MET A 725 -14.11 3.56 -29.98
CA MET A 725 -12.88 2.87 -29.62
C MET A 725 -12.21 3.52 -28.42
N ASP A 726 -12.42 4.83 -28.23
CA ASP A 726 -11.82 5.57 -27.12
C ASP A 726 -12.88 6.22 -26.25
N GLY A 727 -14.03 5.58 -26.07
CA GLY A 727 -15.10 6.13 -25.28
C GLY A 727 -15.38 5.32 -24.02
N PRO A 728 -16.63 5.30 -23.59
CA PRO A 728 -17.00 4.53 -22.40
C PRO A 728 -16.67 3.05 -22.54
N PRO A 729 -16.83 2.41 -23.71
CA PRO A 729 -16.40 1.01 -23.83
C PRO A 729 -14.88 0.83 -23.76
N ALA A 730 -14.10 1.90 -23.92
CA ALA A 730 -12.65 1.80 -23.84
C ALA A 730 -12.16 1.72 -22.40
N GLN A 731 -12.50 2.71 -21.58
CA GLN A 731 -12.09 2.71 -20.18
C GLN A 731 -12.80 1.64 -19.37
N SER A 732 -13.82 0.98 -19.92
CA SER A 732 -14.46 -0.12 -19.21
C SER A 732 -13.53 -1.31 -19.09
N LEU A 733 -12.55 -1.41 -19.99
CA LEU A 733 -11.56 -2.47 -19.89
C LEU A 733 -10.49 -2.17 -18.85
N GLY A 734 -10.25 -0.88 -18.54
CA GLY A 734 -9.26 -0.55 -17.53
C GLY A 734 -9.71 -0.91 -16.14
N VAL A 735 -10.92 -0.52 -15.77
CA VAL A 735 -11.49 -0.89 -14.47
C VAL A 735 -12.17 -2.24 -14.58
N GLU A 736 -11.77 -3.16 -13.70
CA GLU A 736 -12.25 -4.54 -13.76
C GLU A 736 -11.94 -5.27 -12.46
N PRO A 737 -12.91 -6.01 -11.89
CA PRO A 737 -12.62 -6.82 -10.69
C PRO A 737 -11.73 -8.00 -11.03
N VAL A 738 -10.60 -8.10 -10.33
CA VAL A 738 -9.61 -9.11 -10.66
C VAL A 738 -10.09 -10.49 -10.23
N ASP A 739 -9.69 -11.50 -10.99
CA ASP A 739 -9.93 -12.90 -10.63
C ASP A 739 -8.74 -13.40 -9.82
N LYS A 740 -8.72 -14.70 -9.51
CA LYS A 740 -7.64 -15.29 -8.72
C LYS A 740 -6.81 -16.16 -9.66
N ASP A 741 -5.94 -15.53 -10.44
CA ASP A 741 -4.97 -16.24 -11.27
C ASP A 741 -3.56 -15.64 -11.24
N VAL A 742 -3.38 -14.37 -10.88
CA VAL A 742 -2.09 -13.73 -11.05
C VAL A 742 -1.13 -14.09 -9.92
N ILE A 743 -1.66 -14.53 -8.77
CA ILE A 743 -0.78 -14.85 -7.64
C ILE A 743 0.09 -16.05 -7.95
N ARG A 744 -0.36 -16.92 -8.87
CA ARG A 744 0.44 -18.06 -9.28
C ARG A 744 1.39 -17.74 -10.44
N LYS A 745 1.29 -16.53 -11.00
CA LYS A 745 2.15 -16.14 -12.11
C LYS A 745 3.45 -15.52 -11.58
N PRO A 746 4.55 -15.66 -12.33
CA PRO A 746 5.81 -15.05 -11.92
C PRO A 746 5.71 -13.53 -11.95
N PRO A 747 6.52 -12.84 -11.14
CA PRO A 747 6.45 -11.38 -11.13
C PRO A 747 7.02 -10.77 -12.40
N ARG A 748 6.43 -9.65 -12.80
CA ARG A 748 6.86 -8.95 -14.01
C ARG A 748 8.14 -8.17 -13.73
N ASN A 749 9.14 -8.34 -14.58
CA ASN A 749 10.40 -7.63 -14.43
C ASN A 749 10.24 -6.16 -14.81
N TRP A 750 11.06 -5.31 -14.20
CA TRP A 750 11.01 -3.89 -14.51
C TRP A 750 11.56 -3.60 -15.90
N LYS A 751 12.51 -4.42 -16.36
CA LYS A 751 13.07 -4.24 -17.69
C LYS A 751 12.08 -4.59 -18.80
N ASP A 752 11.10 -5.43 -18.50
CA ASP A 752 10.15 -5.85 -19.52
C ASP A 752 9.14 -4.74 -19.81
N SER A 753 8.78 -4.59 -21.07
CA SER A 753 7.80 -3.59 -21.49
C SER A 753 6.39 -4.18 -21.42
N ILE A 754 5.41 -3.45 -21.95
CA ILE A 754 4.02 -3.92 -21.93
C ILE A 754 3.68 -4.76 -23.16
N LEU A 755 4.52 -4.74 -24.20
CA LEU A 755 4.26 -5.47 -25.42
C LEU A 755 5.12 -6.73 -25.46
N THR A 756 4.47 -7.87 -25.65
CA THR A 756 5.15 -9.17 -25.75
C THR A 756 4.81 -9.80 -27.09
N LYS A 757 5.43 -10.96 -27.35
CA LYS A 757 5.26 -11.60 -28.65
C LYS A 757 3.85 -12.14 -28.83
N ASN A 758 3.27 -12.73 -27.78
CA ASN A 758 1.93 -13.28 -27.91
C ASN A 758 0.90 -12.17 -28.14
N LEU A 759 1.11 -11.01 -27.51
CA LEU A 759 0.20 -9.88 -27.73
C LEU A 759 0.28 -9.39 -29.16
N ILE A 760 1.50 -9.32 -29.73
CA ILE A 760 1.65 -8.91 -31.12
C ILE A 760 0.98 -9.92 -32.04
N LEU A 761 1.19 -11.21 -31.79
CA LEU A 761 0.53 -12.24 -32.60
C LEU A 761 -0.99 -12.09 -32.52
N LYS A 762 -1.52 -11.85 -31.32
CA LYS A 762 -2.96 -11.73 -31.15
C LYS A 762 -3.52 -10.52 -31.89
N ILE A 763 -2.84 -9.37 -31.79
CA ILE A 763 -3.39 -8.19 -32.46
C ILE A 763 -3.27 -8.33 -33.98
N LEU A 764 -2.20 -8.97 -34.47
CA LEU A 764 -2.09 -9.17 -35.92
C LEU A 764 -3.16 -10.14 -36.42
N VAL A 765 -3.43 -11.21 -35.66
CA VAL A 765 -4.49 -12.14 -36.03
C VAL A 765 -5.84 -11.45 -36.04
N SER A 766 -6.11 -10.64 -35.01
CA SER A 766 -7.37 -9.90 -34.96
C SER A 766 -7.49 -8.96 -36.15
N SER A 767 -6.42 -8.24 -36.49
CA SER A 767 -6.47 -7.29 -37.59
C SER A 767 -6.70 -8.00 -38.92
N ILE A 768 -6.00 -9.11 -39.16
CA ILE A 768 -6.17 -9.80 -40.43
C ILE A 768 -7.55 -10.42 -40.53
N ILE A 769 -8.10 -10.89 -39.41
CA ILE A 769 -9.46 -11.44 -39.43
C ILE A 769 -10.47 -10.33 -39.72
N ILE A 770 -10.28 -9.15 -39.10
CA ILE A 770 -11.16 -8.01 -39.37
C ILE A 770 -11.12 -7.66 -40.86
N VAL A 771 -9.93 -7.58 -41.43
CA VAL A 771 -9.80 -7.19 -42.83
C VAL A 771 -10.40 -8.25 -43.74
N CYS A 772 -10.22 -9.53 -43.40
CA CYS A 772 -10.78 -10.60 -44.22
C CYS A 772 -12.31 -10.57 -44.18
N GLY A 773 -12.89 -10.38 -42.99
CA GLY A 773 -14.34 -10.30 -42.90
C GLY A 773 -14.90 -9.10 -43.65
N THR A 774 -14.20 -7.95 -43.55
CA THR A 774 -14.65 -6.76 -44.25
C THR A 774 -14.59 -6.95 -45.76
N LEU A 775 -13.50 -7.53 -46.27
CA LEU A 775 -13.40 -7.79 -47.70
C LEU A 775 -14.44 -8.80 -48.16
N PHE A 776 -14.72 -9.81 -47.32
CA PHE A 776 -15.76 -10.78 -47.66
C PHE A 776 -17.12 -10.11 -47.77
N VAL A 777 -17.45 -9.22 -46.82
CA VAL A 777 -18.72 -8.51 -46.88
C VAL A 777 -18.76 -7.61 -48.11
N PHE A 778 -17.66 -6.91 -48.41
CA PHE A 778 -17.62 -6.02 -49.57
C PHE A 778 -17.81 -6.78 -50.87
N TRP A 779 -17.25 -7.99 -50.94
CA TRP A 779 -17.38 -8.79 -52.15
C TRP A 779 -18.77 -9.42 -52.26
N ARG A 780 -19.36 -9.80 -51.13
CA ARG A 780 -20.66 -10.46 -51.15
C ARG A 780 -21.80 -9.49 -51.39
N GLU A 781 -21.68 -8.24 -50.94
CA GLU A 781 -22.78 -7.28 -51.09
C GLU A 781 -23.06 -6.98 -52.54
N LEU A 782 -22.02 -6.74 -53.34
CA LEU A 782 -22.19 -6.35 -54.73
C LEU A 782 -21.39 -7.27 -55.64
N ARG A 783 -21.97 -7.63 -56.78
CA ARG A 783 -21.29 -8.46 -57.77
C ARG A 783 -20.94 -7.66 -59.02
N ASP A 784 -21.92 -6.96 -59.59
CA ASP A 784 -21.71 -6.14 -60.78
C ASP A 784 -22.14 -4.70 -60.53
N ASN A 785 -22.52 -4.39 -59.29
CA ASN A 785 -22.93 -3.06 -58.89
C ASN A 785 -21.74 -2.13 -58.63
N VAL A 786 -21.67 -0.99 -59.31
CA VAL A 786 -20.54 -0.08 -59.19
C VAL A 786 -20.46 0.46 -57.77
N ILE A 787 -21.49 1.18 -57.34
CA ILE A 787 -21.51 1.75 -55.99
C ILE A 787 -22.95 1.93 -55.51
N THR A 788 -23.24 1.43 -54.31
CA THR A 788 -24.55 1.60 -53.71
C THR A 788 -24.42 2.04 -52.26
N PRO A 789 -25.35 2.87 -51.76
CA PRO A 789 -25.31 3.24 -50.35
C PRO A 789 -25.49 2.05 -49.41
N ARG A 790 -26.24 1.03 -49.84
CA ARG A 790 -26.40 -0.17 -49.02
C ARG A 790 -25.07 -0.85 -48.76
N ASP A 791 -24.13 -0.78 -49.71
CA ASP A 791 -22.79 -1.31 -49.49
C ASP A 791 -22.09 -0.57 -48.35
N THR A 792 -22.19 0.76 -48.35
CA THR A 792 -21.57 1.55 -47.29
C THR A 792 -22.21 1.24 -45.94
N THR A 793 -23.55 1.13 -45.89
CA THR A 793 -24.22 0.78 -44.65
C THR A 793 -23.78 -0.58 -44.15
N MET A 794 -23.75 -1.58 -45.03
CA MET A 794 -23.33 -2.92 -44.64
C MET A 794 -21.91 -2.92 -44.11
N THR A 795 -20.99 -2.26 -44.81
CA THR A 795 -19.60 -2.22 -44.35
C THR A 795 -19.47 -1.52 -43.00
N PHE A 796 -20.19 -0.41 -42.82
CA PHE A 796 -20.09 0.33 -41.56
C PHE A 796 -20.62 -0.49 -40.39
N THR A 797 -21.83 -1.05 -40.53
CA THR A 797 -22.37 -1.85 -39.44
C THR A 797 -21.58 -3.13 -39.20
N CYS A 798 -20.99 -3.69 -40.26
CA CYS A 798 -20.16 -4.88 -40.09
C CYS A 798 -18.89 -4.55 -39.30
N PHE A 799 -18.23 -3.44 -39.62
CA PHE A 799 -17.06 -3.03 -38.88
C PHE A 799 -17.41 -2.69 -37.43
N VAL A 800 -18.58 -2.06 -37.23
CA VAL A 800 -19.01 -1.74 -35.86
C VAL A 800 -19.23 -3.00 -35.06
N PHE A 801 -19.94 -3.98 -35.63
CA PHE A 801 -20.19 -5.24 -34.92
C PHE A 801 -18.89 -6.00 -34.67
N PHE A 802 -17.96 -5.96 -35.62
CA PHE A 802 -16.68 -6.62 -35.43
C PHE A 802 -15.88 -5.97 -34.31
N ASP A 803 -15.87 -4.63 -34.25
CA ASP A 803 -15.20 -3.96 -33.15
C ASP A 803 -15.85 -4.27 -31.81
N MET A 804 -17.18 -4.35 -31.79
CA MET A 804 -17.89 -4.69 -30.56
C MET A 804 -17.53 -6.11 -30.09
N PHE A 805 -17.51 -7.07 -31.01
CA PHE A 805 -17.17 -8.43 -30.64
C PHE A 805 -15.70 -8.56 -30.26
N ASN A 806 -14.82 -7.77 -30.87
CA ASN A 806 -13.41 -7.78 -30.49
C ASN A 806 -13.22 -7.22 -29.09
N ALA A 807 -13.96 -6.16 -28.75
CA ALA A 807 -13.92 -5.64 -27.39
C ALA A 807 -14.52 -6.63 -26.40
N LEU A 808 -15.53 -7.39 -26.83
CA LEU A 808 -16.10 -8.41 -25.95
C LEU A 808 -15.12 -9.55 -25.71
N SER A 809 -14.37 -9.93 -26.73
CA SER A 809 -13.38 -10.99 -26.57
C SER A 809 -12.14 -10.51 -25.83
N SER A 810 -11.97 -9.19 -25.68
CA SER A 810 -10.83 -8.61 -25.01
C SER A 810 -11.11 -8.28 -23.55
N ARG A 811 -11.98 -9.07 -22.89
CA ARG A 811 -12.31 -8.81 -21.50
C ARG A 811 -11.14 -9.17 -20.59
N SER A 812 -10.51 -10.33 -20.80
CA SER A 812 -9.39 -10.77 -20.00
C SER A 812 -8.44 -11.59 -20.86
N GLN A 813 -7.13 -11.33 -20.71
CA GLN A 813 -6.14 -12.08 -21.47
C GLN A 813 -5.86 -13.45 -20.90
N THR A 814 -6.22 -13.70 -19.64
CA THR A 814 -5.99 -14.98 -18.99
C THR A 814 -7.27 -15.74 -18.71
N LYS A 815 -8.44 -15.15 -18.92
CA LYS A 815 -9.72 -15.80 -18.68
C LYS A 815 -10.63 -15.60 -19.88
N SER A 816 -11.31 -16.68 -20.29
CA SER A 816 -12.21 -16.62 -21.42
C SER A 816 -13.55 -16.01 -21.01
N VAL A 817 -14.46 -15.91 -21.98
CA VAL A 817 -15.78 -15.33 -21.72
C VAL A 817 -16.69 -16.29 -20.97
N PHE A 818 -16.40 -17.59 -21.01
CA PHE A 818 -17.24 -18.60 -20.37
C PHE A 818 -17.09 -18.63 -18.86
N GLU A 819 -15.91 -18.32 -18.34
CA GLU A 819 -15.71 -18.36 -16.89
C GLU A 819 -16.39 -17.17 -16.22
N ILE A 820 -16.32 -15.99 -16.83
CA ILE A 820 -16.94 -14.79 -16.27
C ILE A 820 -18.34 -14.64 -16.85
N GLY A 821 -19.18 -13.86 -16.15
CA GLY A 821 -20.53 -13.64 -16.60
C GLY A 821 -20.79 -12.22 -17.05
N LEU A 822 -22.06 -11.92 -17.29
CA LEU A 822 -22.50 -10.57 -17.67
C LEU A 822 -22.70 -9.69 -16.45
N CYS A 823 -21.65 -9.60 -15.63
CA CYS A 823 -21.63 -8.85 -14.39
C CYS A 823 -20.18 -8.55 -14.07
N SER A 824 -19.90 -8.19 -12.81
CA SER A 824 -18.53 -7.98 -12.37
C SER A 824 -17.86 -6.89 -13.21
N ASN A 825 -18.24 -5.64 -12.96
CA ASN A 825 -18.06 -4.51 -13.88
C ASN A 825 -19.01 -4.62 -15.07
N ARG A 826 -20.29 -4.68 -14.72
CA ARG A 826 -21.38 -4.61 -15.70
C ARG A 826 -21.34 -3.35 -16.53
N MET A 827 -20.48 -2.38 -16.17
CA MET A 827 -20.31 -1.19 -16.99
C MET A 827 -19.92 -1.55 -18.43
N PHE A 828 -19.23 -2.67 -18.61
CA PHE A 828 -18.93 -3.15 -19.96
C PHE A 828 -20.21 -3.43 -20.74
N CYS A 829 -21.13 -4.19 -20.12
CA CYS A 829 -22.40 -4.47 -20.79
C CYS A 829 -23.24 -3.21 -20.96
N TYR A 830 -23.11 -2.27 -20.03
CA TYR A 830 -23.81 -0.99 -20.17
C TYR A 830 -23.32 -0.24 -21.41
N ALA A 831 -22.00 -0.12 -21.57
CA ALA A 831 -21.45 0.53 -22.76
C ALA A 831 -21.81 -0.24 -24.01
N VAL A 832 -21.86 -1.58 -23.92
CA VAL A 832 -22.21 -2.39 -25.09
C VAL A 832 -23.64 -2.09 -25.54
N LEU A 833 -24.58 -2.10 -24.59
CA LEU A 833 -25.98 -1.84 -24.95
C LEU A 833 -26.17 -0.40 -25.40
N GLY A 834 -25.42 0.54 -24.81
CA GLY A 834 -25.49 1.92 -25.28
C GLY A 834 -25.00 2.07 -26.69
N SER A 835 -23.88 1.43 -27.04
CA SER A 835 -23.37 1.48 -28.40
C SER A 835 -24.33 0.80 -29.37
N ILE A 836 -24.95 -0.30 -28.94
CA ILE A 836 -25.92 -0.98 -29.80
C ILE A 836 -27.13 -0.09 -30.06
N MET A 837 -27.64 0.57 -29.03
CA MET A 837 -28.76 1.49 -29.21
C MET A 837 -28.38 2.66 -30.12
N GLY A 838 -27.17 3.21 -29.92
CA GLY A 838 -26.71 4.28 -30.80
C GLY A 838 -26.60 3.84 -32.25
N GLN A 839 -26.12 2.61 -32.47
CA GLN A 839 -26.00 2.10 -33.83
C GLN A 839 -27.39 1.90 -34.46
N LEU A 840 -28.32 1.31 -33.71
CA LEU A 840 -29.66 1.11 -34.24
C LEU A 840 -30.36 2.45 -34.51
N LEU A 841 -30.04 3.47 -33.71
CA LEU A 841 -30.59 4.80 -33.98
C LEU A 841 -29.96 5.40 -35.22
N VAL A 842 -28.66 5.20 -35.41
CA VAL A 842 -27.98 5.70 -36.60
C VAL A 842 -28.53 5.05 -37.86
N ILE A 843 -28.91 3.77 -37.76
CA ILE A 843 -29.44 3.05 -38.92
C ILE A 843 -30.76 3.67 -39.37
N TYR A 844 -31.73 3.77 -38.47
CA TYR A 844 -33.07 4.25 -38.80
C TYR A 844 -33.33 5.58 -38.09
N PHE A 845 -32.97 6.68 -38.74
CA PHE A 845 -33.30 8.02 -38.26
C PHE A 845 -33.29 8.98 -39.43
N PRO A 846 -34.44 9.34 -39.98
CA PRO A 846 -34.50 10.21 -41.16
C PRO A 846 -33.75 11.52 -40.98
N PRO A 847 -33.85 12.18 -39.82
CA PRO A 847 -33.00 13.38 -39.64
C PRO A 847 -31.51 13.07 -39.64
N LEU A 848 -31.11 11.88 -39.22
CA LEU A 848 -29.71 11.48 -39.24
C LEU A 848 -29.32 10.80 -40.55
N GLN A 849 -30.29 10.27 -41.29
CA GLN A 849 -29.98 9.62 -42.57
C GLN A 849 -29.37 10.61 -43.56
N LYS A 850 -29.74 11.89 -43.45
CA LYS A 850 -29.09 12.91 -44.26
C LYS A 850 -27.76 13.33 -43.66
N VAL A 851 -27.63 13.23 -42.33
CA VAL A 851 -26.38 13.59 -41.67
C VAL A 851 -25.31 12.54 -41.97
N PHE A 852 -25.58 11.29 -41.63
CA PHE A 852 -24.64 10.20 -41.89
C PHE A 852 -24.97 9.57 -43.24
N GLN A 853 -24.36 8.42 -43.52
CA GLN A 853 -24.57 7.74 -44.79
C GLN A 853 -25.62 6.63 -44.70
N THR A 854 -25.81 6.05 -43.51
CA THR A 854 -26.78 4.98 -43.35
C THR A 854 -28.19 5.50 -43.58
N GLU A 855 -28.96 4.76 -44.38
CA GLU A 855 -30.32 5.19 -44.70
C GLU A 855 -31.33 4.06 -44.46
N SER A 856 -30.91 2.81 -44.62
CA SER A 856 -31.81 1.67 -44.46
C SER A 856 -30.99 0.39 -44.44
N LEU A 857 -31.58 -0.66 -43.89
CA LEU A 857 -30.97 -1.99 -43.86
C LEU A 857 -32.07 -3.03 -43.81
N SER A 858 -31.68 -4.28 -43.99
CA SER A 858 -32.61 -5.41 -43.99
C SER A 858 -32.43 -6.24 -42.71
N ILE A 859 -33.43 -7.06 -42.41
CA ILE A 859 -33.38 -7.90 -41.22
C ILE A 859 -32.51 -9.13 -41.47
N LEU A 860 -32.69 -9.78 -42.63
CA LEU A 860 -31.86 -10.93 -42.95
C LEU A 860 -30.41 -10.54 -43.17
N ASP A 861 -30.16 -9.33 -43.67
CA ASP A 861 -28.79 -8.82 -43.75
C ASP A 861 -28.17 -8.70 -42.37
N LEU A 862 -28.93 -8.17 -41.40
CA LEU A 862 -28.42 -8.06 -40.04
C LEU A 862 -28.18 -9.42 -39.43
N LEU A 863 -29.06 -10.38 -39.71
CA LEU A 863 -28.88 -11.73 -39.20
C LEU A 863 -27.61 -12.36 -39.76
N PHE A 864 -27.40 -12.23 -41.07
CA PHE A 864 -26.17 -12.75 -41.68
C PHE A 864 -24.94 -12.05 -41.12
N LEU A 865 -25.04 -10.75 -40.85
CA LEU A 865 -23.91 -10.02 -40.28
C LEU A 865 -23.56 -10.55 -38.90
N LEU A 866 -24.57 -10.72 -38.03
CA LEU A 866 -24.30 -11.25 -36.70
C LEU A 866 -23.82 -12.70 -36.75
N GLY A 867 -24.24 -13.45 -37.76
CA GLY A 867 -23.76 -14.82 -37.90
C GLY A 867 -22.32 -14.89 -38.36
N LEU A 868 -21.91 -13.97 -39.22
CA LEU A 868 -20.55 -13.99 -39.76
C LEU A 868 -19.56 -13.26 -38.85
N THR A 869 -20.03 -12.35 -38.00
CA THR A 869 -19.11 -11.55 -37.20
C THR A 869 -18.43 -12.36 -36.11
N SER A 870 -19.03 -13.47 -35.68
CA SER A 870 -18.49 -14.27 -34.60
C SER A 870 -17.23 -15.04 -34.97
N SER A 871 -16.69 -14.85 -36.19
CA SER A 871 -15.49 -15.58 -36.58
C SER A 871 -14.30 -15.21 -35.72
N VAL A 872 -14.07 -13.91 -35.47
CA VAL A 872 -12.96 -13.50 -34.64
C VAL A 872 -13.14 -14.00 -33.21
N CYS A 873 -14.39 -13.98 -32.72
CA CYS A 873 -14.64 -14.45 -31.36
C CYS A 873 -14.35 -15.94 -31.23
N ILE A 874 -14.83 -16.76 -32.19
CA ILE A 874 -14.59 -18.20 -32.10
C ILE A 874 -13.11 -18.51 -32.29
N VAL A 875 -12.40 -17.76 -33.14
CA VAL A 875 -10.97 -17.99 -33.29
C VAL A 875 -10.23 -17.67 -32.01
N ALA A 876 -10.60 -16.56 -31.35
CA ALA A 876 -9.96 -16.22 -30.08
C ALA A 876 -10.24 -17.26 -29.01
N GLU A 877 -11.48 -17.75 -28.93
CA GLU A 877 -11.78 -18.76 -27.93
C GLU A 877 -11.08 -20.08 -28.24
N ILE A 878 -10.91 -20.41 -29.52
CA ILE A 878 -10.22 -21.63 -29.89
C ILE A 878 -8.74 -21.55 -29.50
N ILE A 879 -8.11 -20.40 -29.77
CA ILE A 879 -6.70 -20.27 -29.41
C ILE A 879 -6.53 -20.23 -27.89
N LYS A 880 -7.49 -19.65 -27.18
CA LYS A 880 -7.43 -19.66 -25.72
C LYS A 880 -7.58 -21.08 -25.18
N LYS A 881 -8.50 -21.85 -25.77
CA LYS A 881 -8.70 -23.23 -25.31
C LYS A 881 -7.46 -24.08 -25.59
N VAL A 882 -6.84 -23.90 -26.75
CA VAL A 882 -5.65 -24.70 -27.06
C VAL A 882 -4.48 -24.26 -26.18
N GLU A 883 -4.39 -22.98 -25.84
CA GLU A 883 -3.36 -22.53 -24.92
C GLU A 883 -3.56 -23.13 -23.53
N ARG A 884 -4.82 -23.15 -23.05
CA ARG A 884 -5.09 -23.75 -21.75
C ARG A 884 -4.84 -25.26 -21.77
N SER A 885 -5.13 -25.92 -22.89
CA SER A 885 -4.85 -27.35 -23.00
C SER A 885 -3.34 -27.61 -22.97
N ARG A 886 -2.56 -26.79 -23.68
CA ARG A 886 -1.11 -26.92 -23.63
C ARG A 886 -0.58 -26.67 -22.22
N GLU A 887 -1.14 -25.67 -21.53
CA GLU A 887 -0.72 -25.40 -20.16
C GLU A 887 -1.02 -26.58 -19.24
N LYS A 888 -2.22 -27.17 -19.37
CA LYS A 888 -2.58 -28.31 -18.55
C LYS A 888 -1.70 -29.52 -18.87
N ILE A 889 -1.40 -29.74 -20.14
CA ILE A 889 -0.60 -30.91 -20.52
C ILE A 889 0.87 -30.71 -20.17
N GLN A 890 1.29 -29.46 -19.99
CA GLN A 890 2.67 -29.20 -19.59
C GLN A 890 2.83 -29.22 -18.07
N LYS A 891 1.76 -28.90 -17.33
CA LYS A 891 1.82 -29.04 -15.88
C LYS A 891 1.54 -30.47 -15.44
N HIS A 892 0.89 -31.25 -16.30
CA HIS A 892 0.61 -32.64 -15.96
C HIS A 892 1.86 -33.52 -16.01
N VAL A 893 2.82 -33.17 -16.85
CA VAL A 893 4.05 -33.95 -16.97
C VAL A 893 5.11 -33.40 -16.03
#